data_4BPW
#
_entry.id   4BPW
#
_cell.length_a   116.394
_cell.length_b   69.438
_cell.length_c   127.087
_cell.angle_alpha   90.00
_cell.angle_beta   104.90
_cell.angle_gamma   90.00
#
_symmetry.space_group_name_H-M   'P 1 21 1'
#
loop_
_entity.id
_entity.type
_entity.pdbx_description
1 polymer 'DNA PRIMASE SMALL SUBUNIT'
2 polymer 'DNA PRIMASE LARGE SUBUNIT'
3 non-polymer 'ZINC ION'
4 non-polymer 'MAGNESIUM ION'
5 non-polymer "URIDINE 5'-TRIPHOSPHATE"
#
loop_
_entity_poly.entity_id
_entity_poly.type
_entity_poly.pdbx_seq_one_letter_code
_entity_poly.pdbx_strand_id
1 'polypeptide(L)'
;GTSMETFDPTELPELLKLYYRRLFPYSQYYRWLNYGGVIKNYFQHREFSFTLKDDIYIRYQSFNNQSDLEKEMQAANPYK
IDIGAVYSHRPNQHNTVKLGAFQAQEKELVFDIDMTDYDDVRRCCSSADICPKCWTLMTMAIRIIDRALKEDFGFKHRLW
VYSGRRGVHCWVCDESVRKLSSAVRSGIVEYLSLVKGGQDVKKKVHLSEKIHPFIRKSINIIKKYFEEYALVNQDILENK
ESWDKILALVPETIHDELQQSFQKSHNSLQRWEHLKKVASRYQNNIKNDKYGPWLEWEIMLQYCFPRLDINVSKGINHLL
KSPFSVHPKTGRISVPIDLQKVDQFDPFTVPTISFICRELDAISTNEEEKEENEAESDVKHRTRDYKKTSLAPYVKVFEH
FLENLDKSRKGELLKKSDLQKDF
;
A,C
2 'polypeptide(L)'
;MEFSGRKWRKLRLAGDQRNASYPHCLQFYLQPPSENISLIEFENLAIDRVKLLKSVENLGVSYVKGTEQYQSKLESELRK
LKFSYRENLEDEYEPRRRDHISHFILRLAYCQSEELRRWFIQQEMDLLRFRFSILPKDKIQDFLKDSQLQFEAISDEEKT
LREQEIVASSPSLSGLKLGFESIYKIPFADALDLFRGRKVYLEDGFAYVPLKDIVAIILNEFRAKLSKALALTARSLPAV
QSDERLQPLLNHL
;
B,D
#
loop_
_chem_comp.id
_chem_comp.type
_chem_comp.name
_chem_comp.formula
MG non-polymer 'MAGNESIUM ION' 'Mg 2'
UTP non-polymer 'URIDINE 5'-TRIPHOSPHATE' 'C9 H15 N2 O15 P3'
ZN non-polymer 'ZINC ION' 'Zn 2'
#
# COMPACT_ATOMS: atom_id res chain seq x y z
N PHE A 7 -6.02 -49.10 28.16
CA PHE A 7 -7.03 -48.85 27.12
C PHE A 7 -6.52 -49.24 25.74
N ASP A 8 -7.37 -49.88 24.95
CA ASP A 8 -7.00 -50.36 23.62
C ASP A 8 -7.74 -49.58 22.53
N PRO A 9 -6.99 -48.83 21.69
CA PRO A 9 -7.65 -48.03 20.64
C PRO A 9 -8.29 -48.81 19.49
N THR A 10 -8.24 -50.15 19.53
CA THR A 10 -8.82 -50.96 18.46
C THR A 10 -10.27 -51.35 18.76
N GLU A 11 -10.63 -51.35 20.04
CA GLU A 11 -12.01 -51.57 20.44
C GLU A 11 -12.84 -50.31 20.18
N LEU A 12 -12.16 -49.24 19.81
CA LEU A 12 -12.78 -47.92 19.73
C LEU A 12 -13.99 -47.85 18.79
N PRO A 13 -13.88 -48.37 17.55
CA PRO A 13 -15.02 -48.24 16.64
C PRO A 13 -16.24 -49.02 17.12
N GLU A 14 -15.98 -50.05 17.92
CA GLU A 14 -17.02 -50.86 18.50
C GLU A 14 -17.58 -50.14 19.74
N LEU A 15 -16.68 -49.60 20.56
CA LEU A 15 -17.07 -48.88 21.77
C LEU A 15 -17.86 -47.61 21.46
N LEU A 16 -17.50 -46.93 20.37
CA LEU A 16 -18.19 -45.72 19.95
C LEU A 16 -19.67 -45.96 19.67
N LYS A 17 -19.94 -47.03 18.91
CA LYS A 17 -21.29 -47.43 18.56
C LYS A 17 -22.16 -47.53 19.82
N LEU A 18 -21.67 -48.27 20.83
CA LEU A 18 -22.42 -48.41 22.06
C LEU A 18 -22.55 -47.06 22.77
N TYR A 19 -21.44 -46.31 22.84
CA TYR A 19 -21.42 -45.02 23.52
C TYR A 19 -22.41 -44.03 22.94
N TYR A 20 -22.35 -43.88 21.61
CA TYR A 20 -23.19 -42.93 20.90
C TYR A 20 -24.66 -43.28 20.92
N ARG A 21 -24.98 -44.53 21.23
CA ARG A 21 -26.37 -44.98 21.23
C ARG A 21 -26.99 -44.96 22.62
N ARG A 22 -26.20 -45.32 23.63
CA ARG A 22 -26.76 -45.53 24.97
C ARG A 22 -26.05 -44.76 26.09
N LEU A 23 -25.12 -43.87 25.75
CA LEU A 23 -24.38 -43.14 26.78
C LEU A 23 -24.29 -41.63 26.52
N PHE A 24 -24.03 -41.21 25.28
CA PHE A 24 -23.94 -39.78 24.96
C PHE A 24 -25.22 -39.04 25.36
N PRO A 25 -25.12 -38.06 26.27
CA PRO A 25 -26.32 -37.35 26.77
C PRO A 25 -26.90 -36.33 25.78
N TYR A 26 -27.51 -36.82 24.68
CA TYR A 26 -28.12 -35.96 23.67
C TYR A 26 -29.13 -34.96 24.22
N SER A 27 -29.87 -35.36 25.26
CA SER A 27 -30.91 -34.50 25.82
C SER A 27 -30.31 -33.20 26.34
N GLN A 28 -29.38 -33.33 27.27
CA GLN A 28 -28.71 -32.19 27.85
C GLN A 28 -27.91 -31.50 26.75
N TYR A 29 -27.42 -32.29 25.80
CA TYR A 29 -26.67 -31.78 24.66
C TYR A 29 -27.52 -30.83 23.82
N TYR A 30 -28.74 -31.25 23.48
CA TYR A 30 -29.64 -30.41 22.69
C TYR A 30 -30.14 -29.24 23.52
N ARG A 31 -30.35 -29.46 24.81
CA ARG A 31 -30.74 -28.38 25.71
C ARG A 31 -29.73 -27.25 25.62
N TRP A 32 -28.45 -27.63 25.61
CA TRP A 32 -27.38 -26.66 25.52
C TRP A 32 -27.47 -25.85 24.23
N LEU A 33 -27.30 -26.51 23.10
CA LEU A 33 -27.09 -25.81 21.84
C LEU A 33 -28.35 -25.12 21.29
N ASN A 34 -29.54 -25.49 21.80
CA ASN A 34 -30.78 -24.83 21.37
C ASN A 34 -31.14 -23.59 22.18
N TYR A 35 -30.62 -23.50 23.41
CA TYR A 35 -30.79 -22.33 24.27
C TYR A 35 -32.25 -21.93 24.49
N GLY A 36 -33.08 -22.89 24.90
CA GLY A 36 -34.48 -22.65 25.23
C GLY A 36 -35.36 -22.17 24.08
N GLY A 37 -34.99 -22.52 22.86
CA GLY A 37 -35.79 -22.23 21.69
C GLY A 37 -36.13 -20.78 21.41
N VAL A 38 -35.67 -19.87 22.27
CA VAL A 38 -35.97 -18.44 22.14
C VAL A 38 -35.72 -17.86 20.75
N ILE A 39 -34.66 -18.29 20.08
CA ILE A 39 -34.34 -17.83 18.74
C ILE A 39 -34.42 -18.96 17.73
N LYS A 40 -35.14 -18.70 16.64
CA LYS A 40 -35.41 -19.69 15.61
C LYS A 40 -34.19 -19.91 14.72
N ASN A 41 -34.05 -21.17 14.27
CA ASN A 41 -32.96 -21.63 13.41
C ASN A 41 -31.58 -21.63 14.07
N TYR A 42 -31.55 -21.45 15.39
CA TYR A 42 -30.27 -21.39 16.10
C TYR A 42 -29.56 -22.75 16.07
N PHE A 43 -30.26 -23.80 16.50
CA PHE A 43 -29.67 -25.13 16.45
C PHE A 43 -29.60 -25.59 15.01
N GLN A 44 -30.49 -25.06 14.20
CA GLN A 44 -30.60 -25.50 12.81
C GLN A 44 -29.49 -24.91 11.94
N HIS A 45 -28.85 -23.86 12.41
CA HIS A 45 -27.76 -23.22 11.68
C HIS A 45 -26.37 -23.52 12.26
N ARG A 46 -26.33 -24.35 13.29
CA ARG A 46 -25.06 -24.69 13.93
C ARG A 46 -24.23 -25.64 13.09
N GLU A 47 -22.94 -25.32 12.95
CA GLU A 47 -22.00 -26.19 12.25
C GLU A 47 -21.43 -27.23 13.19
N PHE A 48 -21.30 -28.45 12.68
CA PHE A 48 -20.58 -29.51 13.36
C PHE A 48 -19.55 -30.06 12.39
N SER A 49 -18.56 -30.80 12.89
CA SER A 49 -17.64 -31.52 12.00
C SER A 49 -17.35 -32.88 12.60
N PHE A 50 -17.22 -33.87 11.72
CA PHE A 50 -16.97 -35.25 12.13
C PHE A 50 -15.66 -35.75 11.53
N THR A 51 -14.95 -36.55 12.32
CA THR A 51 -13.73 -37.19 11.85
C THR A 51 -13.92 -38.69 11.99
N LEU A 52 -14.23 -39.30 10.86
CA LEU A 52 -14.47 -40.72 10.74
C LEU A 52 -13.16 -41.50 10.67
N LYS A 53 -13.28 -42.81 10.47
CA LYS A 53 -12.12 -43.69 10.26
C LYS A 53 -11.44 -43.25 8.99
N ASP A 54 -10.15 -43.59 8.84
CA ASP A 54 -9.37 -43.23 7.66
C ASP A 54 -9.05 -41.75 7.63
N ASP A 55 -9.37 -41.05 8.71
CA ASP A 55 -9.04 -39.64 8.88
C ASP A 55 -9.88 -38.81 7.90
N ILE A 56 -11.07 -39.32 7.59
CA ILE A 56 -12.00 -38.59 6.74
C ILE A 56 -12.55 -37.45 7.57
N TYR A 57 -12.42 -36.23 7.07
CA TYR A 57 -12.83 -35.05 7.82
C TYR A 57 -13.94 -34.35 7.04
N ILE A 58 -15.04 -34.04 7.71
CA ILE A 58 -16.15 -33.34 7.07
C ILE A 58 -16.75 -32.32 8.03
N ARG A 59 -16.96 -31.10 7.53
CA ARG A 59 -17.57 -30.05 8.33
C ARG A 59 -18.84 -29.55 7.62
N TYR A 60 -19.40 -28.45 8.11
CA TYR A 60 -20.66 -27.91 7.60
C TYR A 60 -21.81 -28.93 7.75
N GLN A 61 -21.77 -29.66 8.85
CA GLN A 61 -22.85 -30.56 9.20
C GLN A 61 -23.89 -29.82 10.02
N SER A 62 -25.15 -29.88 9.59
CA SER A 62 -26.23 -29.23 10.29
C SER A 62 -27.36 -30.22 10.53
N PHE A 63 -28.23 -29.91 11.49
CA PHE A 63 -29.32 -30.81 11.86
C PHE A 63 -30.62 -30.06 12.16
N ASN A 64 -31.74 -30.75 11.97
CA ASN A 64 -33.06 -30.15 12.17
C ASN A 64 -33.48 -30.14 13.64
N ASN A 65 -33.15 -31.21 14.35
CA ASN A 65 -33.47 -31.31 15.77
C ASN A 65 -32.68 -32.42 16.47
N GLN A 66 -32.99 -32.66 17.73
CA GLN A 66 -32.28 -33.64 18.54
C GLN A 66 -32.35 -35.05 17.94
N SER A 67 -33.49 -35.38 17.36
CA SER A 67 -33.65 -36.69 16.72
C SER A 67 -32.70 -36.79 15.52
N ASP A 68 -32.73 -35.77 14.68
CA ASP A 68 -31.91 -35.73 13.47
C ASP A 68 -30.44 -35.85 13.83
N LEU A 69 -30.07 -35.29 14.97
CA LEU A 69 -28.70 -35.33 15.46
C LEU A 69 -28.34 -36.75 15.89
N GLU A 70 -29.22 -37.37 16.68
CA GLU A 70 -29.01 -38.73 17.17
C GLU A 70 -28.79 -39.72 16.04
N LYS A 71 -29.55 -39.55 14.96
CA LYS A 71 -29.49 -40.48 13.84
C LYS A 71 -28.12 -40.33 13.20
N GLU A 72 -27.85 -39.13 12.71
CA GLU A 72 -26.69 -38.88 11.88
C GLU A 72 -25.39 -39.23 12.61
N MET A 73 -25.35 -39.05 13.93
CA MET A 73 -24.16 -39.40 14.70
C MET A 73 -23.98 -40.92 14.85
N GLN A 74 -25.05 -41.63 15.21
CA GLN A 74 -24.96 -43.08 15.31
C GLN A 74 -24.64 -43.69 13.95
N ALA A 75 -25.17 -43.07 12.90
CA ALA A 75 -24.92 -43.50 11.53
C ALA A 75 -23.48 -43.22 11.11
N ALA A 76 -22.99 -42.03 11.41
CA ALA A 76 -21.63 -41.65 11.02
C ALA A 76 -20.63 -42.30 11.96
N ASN A 77 -21.00 -42.39 13.23
CA ASN A 77 -20.14 -42.95 14.27
C ASN A 77 -18.77 -42.28 14.21
N PRO A 78 -18.72 -40.99 14.55
CA PRO A 78 -17.45 -40.27 14.39
C PRO A 78 -16.43 -40.53 15.49
N TYR A 79 -15.15 -40.38 15.17
CA TYR A 79 -14.08 -40.46 16.16
C TYR A 79 -13.97 -39.13 16.91
N LYS A 80 -14.21 -38.03 16.18
CA LYS A 80 -14.12 -36.69 16.72
C LYS A 80 -15.37 -35.89 16.37
N ILE A 81 -15.85 -35.07 17.32
CA ILE A 81 -17.01 -34.20 17.08
C ILE A 81 -16.68 -32.76 17.45
N ASP A 82 -16.49 -31.90 16.45
CA ASP A 82 -16.15 -30.49 16.70
C ASP A 82 -17.38 -29.59 16.51
N ILE A 83 -17.55 -28.62 17.39
CA ILE A 83 -18.64 -27.63 17.29
C ILE A 83 -18.16 -26.32 16.70
N GLY A 84 -18.87 -25.83 15.70
CA GLY A 84 -18.53 -24.59 15.02
C GLY A 84 -19.45 -23.44 15.39
N ALA A 85 -19.63 -22.53 14.44
CA ALA A 85 -20.46 -21.34 14.64
C ALA A 85 -21.93 -21.55 14.25
N VAL A 86 -22.75 -20.58 14.63
CA VAL A 86 -24.13 -20.50 14.16
C VAL A 86 -24.14 -19.58 12.94
N TYR A 87 -24.46 -20.12 11.77
CA TYR A 87 -24.32 -19.35 10.54
C TYR A 87 -25.58 -18.61 10.09
N SER A 88 -25.43 -17.85 9.01
CA SER A 88 -26.52 -17.06 8.44
C SER A 88 -27.55 -17.97 7.79
N HIS A 89 -27.09 -19.11 7.30
CA HIS A 89 -27.94 -20.11 6.70
C HIS A 89 -27.66 -21.47 7.31
N ARG A 90 -28.34 -22.49 6.80
CA ARG A 90 -28.05 -23.85 7.20
C ARG A 90 -26.72 -24.28 6.59
N PRO A 91 -25.76 -24.74 7.42
CA PRO A 91 -24.49 -25.21 6.88
C PRO A 91 -24.61 -26.26 5.78
N ASN A 92 -25.58 -27.17 5.94
CA ASN A 92 -25.87 -28.19 4.94
C ASN A 92 -26.12 -27.68 3.53
N GLN A 93 -26.65 -26.47 3.45
CA GLN A 93 -27.06 -25.91 2.17
C GLN A 93 -26.13 -24.77 1.76
N HIS A 94 -24.90 -24.82 2.24
CA HIS A 94 -23.93 -23.75 1.97
C HIS A 94 -23.58 -23.68 0.49
N ASN A 95 -23.67 -24.81 -0.21
CA ASN A 95 -23.40 -24.85 -1.65
C ASN A 95 -24.40 -23.97 -2.39
N THR A 96 -25.59 -23.86 -1.82
CA THR A 96 -26.69 -23.14 -2.43
C THR A 96 -26.64 -21.64 -2.15
N VAL A 97 -25.78 -21.26 -1.21
CA VAL A 97 -25.67 -19.86 -0.78
C VAL A 97 -24.63 -19.12 -1.61
N LYS A 98 -24.97 -17.91 -2.03
CA LYS A 98 -24.07 -17.11 -2.85
C LYS A 98 -22.85 -16.67 -2.07
N LEU A 99 -21.72 -16.59 -2.77
CA LEU A 99 -20.47 -16.16 -2.18
C LEU A 99 -20.62 -14.75 -1.61
N GLY A 100 -20.50 -14.64 -0.29
CA GLY A 100 -20.57 -13.35 0.39
C GLY A 100 -21.71 -13.30 1.41
N ALA A 101 -22.58 -14.31 1.35
CA ALA A 101 -23.76 -14.37 2.21
C ALA A 101 -23.70 -15.50 3.21
N PHE A 102 -22.72 -16.39 3.06
CA PHE A 102 -22.53 -17.49 4.00
C PHE A 102 -21.57 -17.03 5.09
N GLN A 103 -22.15 -16.69 6.24
CA GLN A 103 -21.38 -16.04 7.29
C GLN A 103 -21.55 -16.67 8.68
N ALA A 104 -20.46 -16.87 9.39
CA ALA A 104 -20.51 -17.27 10.79
C ALA A 104 -20.91 -16.06 11.63
N GLN A 105 -21.99 -16.18 12.38
CA GLN A 105 -22.61 -15.00 13.00
C GLN A 105 -22.52 -14.99 14.53
N GLU A 106 -22.67 -16.16 15.13
CA GLU A 106 -22.59 -16.26 16.58
C GLU A 106 -21.92 -17.55 17.00
N LYS A 107 -21.18 -17.49 18.11
CA LYS A 107 -20.58 -18.68 18.71
C LYS A 107 -20.12 -18.37 20.12
N GLU A 108 -20.12 -19.38 20.99
CA GLU A 108 -19.64 -19.23 22.35
C GLU A 108 -18.21 -18.73 22.28
N LEU A 109 -17.78 -18.01 23.31
CA LEU A 109 -16.39 -17.57 23.42
C LEU A 109 -15.59 -18.74 23.98
N VAL A 110 -14.54 -19.15 23.27
CA VAL A 110 -13.87 -20.40 23.62
C VAL A 110 -12.39 -20.22 23.91
N PHE A 111 -11.92 -20.99 24.87
CA PHE A 111 -10.51 -21.02 25.22
C PHE A 111 -9.97 -22.43 25.21
N ASP A 112 -8.81 -22.59 24.59
CA ASP A 112 -8.06 -23.84 24.61
C ASP A 112 -6.74 -23.61 25.33
N ILE A 113 -6.45 -24.45 26.30
CA ILE A 113 -5.22 -24.38 27.10
C ILE A 113 -4.45 -25.70 27.03
N ASP A 114 -3.23 -25.67 26.50
CA ASP A 114 -2.47 -26.90 26.24
C ASP A 114 -1.26 -26.99 27.16
N MET A 115 -1.14 -28.12 27.87
CA MET A 115 0.02 -28.38 28.71
C MET A 115 1.32 -28.25 27.91
N THR A 116 1.27 -28.63 26.64
CA THR A 116 2.46 -28.65 25.79
C THR A 116 3.12 -27.27 25.75
N ASP A 117 2.31 -26.22 25.86
CA ASP A 117 2.81 -24.85 25.78
C ASP A 117 3.59 -24.44 27.03
N TYR A 118 3.65 -25.35 28.01
CA TYR A 118 4.38 -25.09 29.24
C TYR A 118 5.71 -25.80 29.26
N ASP A 119 6.09 -26.41 28.15
CA ASP A 119 7.23 -27.32 28.13
C ASP A 119 8.53 -26.65 28.55
N ASP A 120 8.59 -25.33 28.46
CA ASP A 120 9.80 -24.60 28.84
C ASP A 120 9.86 -24.26 30.32
N VAL A 121 8.80 -24.57 31.07
CA VAL A 121 8.75 -24.25 32.50
C VAL A 121 8.27 -25.42 33.36
N ARG A 122 8.08 -26.58 32.75
CA ARG A 122 7.85 -27.81 33.51
C ARG A 122 8.99 -28.77 33.23
N ARG A 123 9.28 -29.63 34.21
CA ARG A 123 10.47 -30.46 34.20
C ARG A 123 10.18 -31.94 34.17
N CYS A 124 8.93 -32.31 34.39
CA CYS A 124 8.53 -33.71 34.50
C CYS A 124 8.15 -34.34 33.17
N CYS A 125 7.47 -33.57 32.33
CA CYS A 125 6.94 -34.06 31.06
C CYS A 125 7.33 -33.16 29.91
N SER A 126 7.01 -33.59 28.69
CA SER A 126 7.11 -32.71 27.52
C SER A 126 6.09 -33.17 26.48
N SER A 127 5.78 -32.28 25.56
CA SER A 127 4.81 -32.55 24.50
C SER A 127 3.44 -32.94 25.07
N ALA A 128 2.94 -34.14 24.75
CA ALA A 128 1.57 -34.50 25.11
C ALA A 128 1.47 -35.28 26.42
N ASP A 129 2.59 -35.44 27.11
CA ASP A 129 2.58 -36.14 28.39
C ASP A 129 2.07 -35.22 29.50
N ILE A 130 1.26 -35.77 30.40
CA ILE A 130 0.92 -35.06 31.62
C ILE A 130 1.10 -35.99 32.82
N CYS A 131 1.41 -35.39 33.98
CA CYS A 131 1.47 -36.12 35.23
C CYS A 131 0.86 -35.25 36.32
N PRO A 132 0.68 -35.80 37.53
CA PRO A 132 0.17 -34.94 38.61
C PRO A 132 1.09 -33.78 38.99
N LYS A 133 2.37 -33.90 38.68
CA LYS A 133 3.32 -32.88 39.11
C LYS A 133 3.16 -31.60 38.31
N CYS A 134 2.72 -31.73 37.06
CA CYS A 134 2.53 -30.56 36.19
C CYS A 134 1.07 -30.15 36.00
N TRP A 135 0.12 -31.03 36.33
CA TRP A 135 -1.30 -30.70 36.16
C TRP A 135 -1.75 -29.46 36.94
N THR A 136 -1.08 -29.19 38.06
CA THR A 136 -1.38 -28.02 38.89
C THR A 136 -1.43 -26.74 38.05
N LEU A 137 -0.70 -26.74 36.95
CA LEU A 137 -0.70 -25.62 36.03
C LEU A 137 -2.11 -25.36 35.50
N MET A 138 -2.82 -26.43 35.15
CA MET A 138 -4.20 -26.31 34.66
C MET A 138 -5.13 -25.79 35.75
N THR A 139 -4.90 -26.23 36.99
CA THR A 139 -5.69 -25.76 38.10
C THR A 139 -5.53 -24.25 38.21
N MET A 140 -4.30 -23.77 38.16
CA MET A 140 -4.05 -22.35 38.25
C MET A 140 -4.59 -21.61 37.03
N ALA A 141 -4.61 -22.29 35.89
CA ALA A 141 -5.09 -21.69 34.65
C ALA A 141 -6.58 -21.43 34.74
N ILE A 142 -7.30 -22.48 35.15
CA ILE A 142 -8.75 -22.41 35.34
C ILE A 142 -9.10 -21.36 36.39
N ARG A 143 -8.45 -21.43 37.54
CA ARG A 143 -8.74 -20.49 38.61
C ARG A 143 -8.51 -19.05 38.18
N ILE A 144 -7.37 -18.80 37.54
CA ILE A 144 -6.97 -17.46 37.10
C ILE A 144 -7.89 -16.87 36.03
N ILE A 145 -8.19 -17.67 35.02
CA ILE A 145 -8.99 -17.22 33.89
C ILE A 145 -10.49 -17.15 34.21
N ASP A 146 -10.99 -18.18 34.88
CA ASP A 146 -12.40 -18.19 35.25
C ASP A 146 -12.71 -17.01 36.15
N ARG A 147 -11.76 -16.64 37.01
CA ARG A 147 -11.95 -15.51 37.90
C ARG A 147 -12.09 -14.23 37.07
N ALA A 148 -11.33 -14.14 35.97
CA ALA A 148 -11.37 -12.94 35.16
C ALA A 148 -12.65 -12.90 34.36
N LEU A 149 -13.03 -14.05 33.82
CA LEU A 149 -14.25 -14.15 33.03
C LEU A 149 -15.47 -13.84 33.89
N LYS A 150 -15.44 -14.28 35.13
CA LYS A 150 -16.57 -14.09 36.04
C LYS A 150 -16.61 -12.70 36.64
N GLU A 151 -15.49 -12.29 37.22
CA GLU A 151 -15.43 -11.05 37.97
C GLU A 151 -15.14 -9.83 37.12
N ASP A 152 -14.15 -9.92 36.23
CA ASP A 152 -13.77 -8.76 35.44
C ASP A 152 -14.74 -8.54 34.28
N PHE A 153 -15.20 -9.62 33.66
CA PHE A 153 -16.07 -9.52 32.48
C PHE A 153 -17.56 -9.80 32.74
N GLY A 154 -17.88 -10.39 33.88
CA GLY A 154 -19.27 -10.63 34.23
C GLY A 154 -19.94 -11.70 33.40
N PHE A 155 -19.15 -12.59 32.80
CA PHE A 155 -19.71 -13.73 32.08
C PHE A 155 -20.22 -14.72 33.12
N LYS A 156 -21.48 -15.15 32.97
CA LYS A 156 -22.13 -15.96 34.01
C LYS A 156 -22.23 -17.44 33.71
N HIS A 157 -22.18 -17.80 32.44
CA HIS A 157 -22.34 -19.20 32.05
C HIS A 157 -21.09 -19.68 31.35
N ARG A 158 -20.29 -20.38 32.14
CA ARG A 158 -18.96 -20.80 31.72
C ARG A 158 -18.83 -22.29 31.96
N LEU A 159 -18.58 -23.03 30.89
CA LEU A 159 -18.43 -24.47 30.98
C LEU A 159 -16.99 -24.86 30.74
N TRP A 160 -16.36 -25.38 31.78
CA TRP A 160 -14.98 -25.87 31.68
C TRP A 160 -15.01 -27.37 31.43
N VAL A 161 -14.19 -27.77 30.47
CA VAL A 161 -14.16 -29.15 29.99
C VAL A 161 -12.73 -29.68 29.86
N TYR A 162 -12.50 -30.90 30.34
CA TYR A 162 -11.24 -31.60 30.12
C TYR A 162 -11.13 -31.99 28.65
N SER A 163 -9.99 -31.74 28.03
CA SER A 163 -9.87 -31.91 26.57
C SER A 163 -9.63 -33.37 26.20
N GLY A 164 -9.35 -34.20 27.20
CA GLY A 164 -9.17 -35.62 26.97
C GLY A 164 -7.76 -36.11 27.16
N ARG A 165 -6.79 -35.20 27.15
CA ARG A 165 -5.39 -35.61 27.23
C ARG A 165 -4.51 -34.52 27.82
N ARG A 166 -4.41 -33.39 27.11
CA ARG A 166 -3.38 -32.41 27.43
C ARG A 166 -3.86 -31.14 28.12
N GLY A 167 -5.16 -30.94 28.25
CA GLY A 167 -5.62 -29.67 28.82
C GLY A 167 -7.09 -29.53 29.06
N VAL A 168 -7.55 -28.28 29.11
CA VAL A 168 -8.94 -27.97 29.36
C VAL A 168 -9.46 -26.93 28.37
N HIS A 169 -10.77 -26.96 28.11
CA HIS A 169 -11.40 -25.93 27.29
C HIS A 169 -12.36 -25.15 28.19
N CYS A 170 -12.67 -23.92 27.82
CA CYS A 170 -13.72 -23.17 28.51
C CYS A 170 -14.69 -22.60 27.48
N TRP A 171 -15.97 -22.87 27.69
CA TRP A 171 -17.02 -22.33 26.83
C TRP A 171 -17.80 -21.26 27.58
N VAL A 172 -17.75 -20.03 27.10
CA VAL A 172 -18.51 -18.94 27.68
C VAL A 172 -19.74 -18.69 26.82
N CYS A 173 -20.91 -19.00 27.37
CA CYS A 173 -22.14 -19.12 26.59
C CYS A 173 -23.20 -18.05 26.89
N ASP A 174 -22.83 -17.00 27.61
CA ASP A 174 -23.76 -15.90 27.83
C ASP A 174 -24.30 -15.37 26.50
N GLU A 175 -25.57 -15.01 26.50
CA GLU A 175 -26.24 -14.56 25.29
C GLU A 175 -25.48 -13.38 24.68
N SER A 176 -25.14 -12.42 25.51
CA SER A 176 -24.43 -11.23 25.04
C SER A 176 -23.04 -11.59 24.55
N VAL A 177 -22.48 -12.68 25.10
CA VAL A 177 -21.13 -13.12 24.74
C VAL A 177 -21.07 -13.73 23.35
N ARG A 178 -22.07 -14.56 23.03
CA ARG A 178 -22.06 -15.27 21.75
C ARG A 178 -22.11 -14.33 20.55
N LYS A 179 -22.45 -13.07 20.77
CA LYS A 179 -22.57 -12.10 19.68
C LYS A 179 -21.35 -11.18 19.55
N LEU A 180 -20.30 -11.49 20.30
CA LEU A 180 -19.09 -10.65 20.30
C LEU A 180 -18.35 -10.75 18.98
N SER A 181 -17.91 -9.60 18.46
CA SER A 181 -17.18 -9.57 17.21
C SER A 181 -15.83 -10.24 17.41
N SER A 182 -15.17 -10.57 16.31
CA SER A 182 -13.86 -11.19 16.39
C SER A 182 -12.87 -10.25 17.05
N ALA A 183 -13.09 -8.95 16.89
CA ALA A 183 -12.19 -7.95 17.44
C ALA A 183 -12.26 -7.89 18.95
N VAL A 184 -13.47 -8.00 19.49
CA VAL A 184 -13.62 -7.96 20.93
C VAL A 184 -13.09 -9.27 21.50
N ARG A 185 -13.31 -10.36 20.78
CA ARG A 185 -12.82 -11.66 21.21
C ARG A 185 -11.31 -11.61 21.30
N SER A 186 -10.66 -11.03 20.30
CA SER A 186 -9.22 -10.94 20.30
C SER A 186 -8.75 -10.05 21.44
N GLY A 187 -9.56 -9.05 21.78
CA GLY A 187 -9.23 -8.12 22.84
C GLY A 187 -9.30 -8.74 24.21
N ILE A 188 -10.22 -9.68 24.39
CA ILE A 188 -10.33 -10.41 25.63
C ILE A 188 -9.08 -11.27 25.83
N VAL A 189 -8.59 -11.85 24.75
CA VAL A 189 -7.38 -12.66 24.83
C VAL A 189 -6.16 -11.82 25.23
N GLU A 190 -6.05 -10.61 24.69
CA GLU A 190 -4.93 -9.72 25.00
C GLU A 190 -4.93 -9.28 26.46
N TYR A 191 -6.13 -9.09 27.00
CA TYR A 191 -6.30 -8.72 28.40
C TYR A 191 -5.84 -9.85 29.30
N LEU A 192 -6.16 -11.08 28.93
CA LEU A 192 -5.85 -12.25 29.74
C LEU A 192 -4.43 -12.75 29.59
N SER A 193 -3.68 -12.18 28.64
CA SER A 193 -2.37 -12.73 28.25
C SER A 193 -1.16 -11.98 28.80
N LEU A 194 -0.25 -12.70 29.43
CA LEU A 194 0.98 -12.10 29.98
C LEU A 194 2.29 -12.69 29.44
N VAL A 195 2.29 -13.97 29.12
CA VAL A 195 3.49 -14.65 28.68
C VAL A 195 3.69 -14.51 27.18
N LYS A 196 4.59 -13.61 26.79
CA LYS A 196 4.84 -13.34 25.38
C LYS A 196 6.21 -13.80 24.94
N GLY A 197 6.29 -14.34 23.73
CA GLY A 197 7.54 -14.77 23.14
C GLY A 197 7.56 -16.24 22.79
N GLY A 198 8.40 -16.59 21.83
CA GLY A 198 8.58 -17.97 21.41
C GLY A 198 9.81 -18.54 22.08
N GLN A 199 10.36 -19.62 21.53
CA GLN A 199 11.58 -20.21 22.06
C GLN A 199 12.77 -19.28 21.91
N ASP A 200 12.68 -18.35 20.96
CA ASP A 200 13.74 -17.38 20.73
C ASP A 200 13.89 -16.41 21.91
N VAL A 201 12.82 -16.26 22.68
CA VAL A 201 12.76 -15.32 23.78
C VAL A 201 12.92 -15.99 25.15
N LYS A 202 13.95 -15.61 25.90
CA LYS A 202 14.19 -16.20 27.22
C LYS A 202 13.27 -15.64 28.33
N LYS A 203 13.25 -14.32 28.50
CA LYS A 203 12.38 -13.69 29.49
C LYS A 203 11.05 -13.39 28.83
N LYS A 204 10.00 -14.09 29.26
CA LYS A 204 8.70 -13.99 28.61
C LYS A 204 7.71 -13.10 29.36
N VAL A 205 8.08 -12.64 30.56
CA VAL A 205 7.21 -11.77 31.35
C VAL A 205 7.91 -10.50 31.87
N HIS A 206 7.36 -9.34 31.53
CA HIS A 206 7.84 -8.05 32.03
C HIS A 206 6.72 -7.25 32.68
N LEU A 207 6.90 -6.86 33.94
CA LEU A 207 5.88 -6.10 34.67
C LEU A 207 6.27 -4.63 34.83
N SER A 208 5.27 -3.76 34.68
CA SER A 208 5.46 -2.32 34.82
C SER A 208 5.60 -1.98 36.29
N GLU A 209 5.93 -0.73 36.59
CA GLU A 209 6.03 -0.32 37.98
C GLU A 209 4.64 -0.42 38.60
N LYS A 210 3.62 -0.16 37.79
CA LYS A 210 2.24 -0.23 38.26
C LYS A 210 1.56 -1.50 37.75
N ILE A 211 1.00 -2.25 38.68
CA ILE A 211 0.41 -3.55 38.37
C ILE A 211 -1.11 -3.51 38.26
N HIS A 212 -1.61 -3.78 37.07
CA HIS A 212 -3.03 -3.85 36.80
C HIS A 212 -3.67 -4.95 37.65
N PRO A 213 -4.82 -4.66 38.29
CA PRO A 213 -5.51 -5.57 39.22
C PRO A 213 -5.61 -7.02 38.73
N PHE A 214 -5.81 -7.22 37.44
CA PHE A 214 -5.89 -8.56 36.89
C PHE A 214 -4.62 -9.36 37.15
N ILE A 215 -3.48 -8.69 37.05
CA ILE A 215 -2.21 -9.32 37.31
C ILE A 215 -2.06 -9.56 38.80
N ARG A 216 -2.42 -8.55 39.60
CA ARG A 216 -2.37 -8.64 41.04
C ARG A 216 -3.14 -9.86 41.55
N LYS A 217 -4.39 -9.97 41.13
CA LYS A 217 -5.26 -11.05 41.56
C LYS A 217 -4.77 -12.37 41.00
N SER A 218 -4.13 -12.32 39.83
CA SER A 218 -3.60 -13.53 39.20
C SER A 218 -2.38 -14.04 39.96
N ILE A 219 -1.50 -13.12 40.35
CA ILE A 219 -0.34 -13.46 41.16
C ILE A 219 -0.79 -14.10 42.47
N ASN A 220 -1.78 -13.50 43.12
CA ASN A 220 -2.26 -13.99 44.41
C ASN A 220 -2.82 -15.41 44.35
N ILE A 221 -3.41 -15.79 43.23
CA ILE A 221 -3.86 -17.17 43.08
C ILE A 221 -2.63 -18.05 42.93
N ILE A 222 -1.65 -17.59 42.16
CA ILE A 222 -0.44 -18.37 41.92
C ILE A 222 0.33 -18.53 43.23
N LYS A 223 0.37 -17.45 44.01
CA LYS A 223 1.04 -17.46 45.31
C LYS A 223 0.56 -18.66 46.12
N LYS A 224 -0.74 -18.92 46.04
CA LYS A 224 -1.38 -19.98 46.81
C LYS A 224 -0.89 -21.39 46.45
N TYR A 225 -0.33 -21.53 45.25
CA TYR A 225 0.08 -22.86 44.75
C TYR A 225 1.59 -22.98 44.54
N PHE A 226 2.26 -21.84 44.49
CA PHE A 226 3.62 -21.79 43.97
C PHE A 226 4.61 -22.70 44.71
N GLU A 227 4.57 -22.69 46.04
CA GLU A 227 5.54 -23.44 46.83
C GLU A 227 5.50 -24.94 46.52
N GLU A 228 4.30 -25.53 46.58
CA GLU A 228 4.18 -26.96 46.36
C GLU A 228 4.42 -27.31 44.91
N TYR A 229 3.94 -26.49 43.98
CA TYR A 229 4.09 -26.82 42.57
C TYR A 229 5.53 -26.61 42.11
N ALA A 230 6.05 -25.41 42.35
CA ALA A 230 7.28 -24.98 41.72
C ALA A 230 8.52 -25.35 42.52
N LEU A 231 8.45 -25.23 43.84
CA LEU A 231 9.62 -25.44 44.68
C LEU A 231 9.73 -26.91 45.12
N VAL A 232 8.61 -27.61 45.23
CA VAL A 232 8.63 -29.01 45.65
C VAL A 232 8.48 -29.98 44.48
N ASN A 233 7.34 -29.95 43.79
CA ASN A 233 7.08 -30.91 42.72
C ASN A 233 7.99 -30.72 41.52
N GLN A 234 8.12 -29.47 41.08
CA GLN A 234 8.93 -29.18 39.91
C GLN A 234 10.38 -28.97 40.31
N ASP A 235 10.58 -28.43 41.51
CA ASP A 235 11.92 -28.20 42.03
C ASP A 235 12.69 -27.35 41.03
N ILE A 236 12.19 -26.17 40.71
CA ILE A 236 12.77 -25.36 39.65
C ILE A 236 14.16 -24.79 40.00
N LEU A 237 14.62 -25.02 41.22
CA LEU A 237 15.95 -24.57 41.66
C LEU A 237 16.75 -25.74 42.22
N GLU A 238 16.51 -26.93 41.67
CA GLU A 238 17.16 -28.13 42.17
C GLU A 238 18.66 -28.04 42.02
N ASN A 239 19.09 -27.74 40.79
CA ASN A 239 20.51 -27.71 40.45
C ASN A 239 20.84 -26.53 39.55
N LYS A 240 22.10 -26.43 39.15
CA LYS A 240 22.56 -25.30 38.35
C LYS A 240 21.93 -25.31 36.96
N GLU A 241 21.72 -26.49 36.40
CA GLU A 241 21.12 -26.58 35.07
C GLU A 241 19.75 -25.94 35.11
N SER A 242 19.03 -26.14 36.22
CA SER A 242 17.68 -25.61 36.34
C SER A 242 17.69 -24.15 36.78
N TRP A 243 18.47 -23.79 37.80
CA TRP A 243 18.33 -22.42 38.31
C TRP A 243 18.96 -21.41 37.38
N ASP A 244 19.79 -21.86 36.43
CA ASP A 244 20.35 -20.93 35.46
C ASP A 244 19.21 -20.39 34.61
N LYS A 245 18.20 -21.23 34.38
CA LYS A 245 17.03 -20.81 33.65
C LYS A 245 16.33 -19.68 34.38
N ILE A 246 16.29 -19.76 35.71
CA ILE A 246 15.69 -18.70 36.52
C ILE A 246 16.58 -17.45 36.51
N LEU A 247 17.88 -17.67 36.57
CA LEU A 247 18.83 -16.55 36.57
C LEU A 247 18.77 -15.79 35.26
N ALA A 248 18.35 -16.45 34.19
CA ALA A 248 18.23 -15.80 32.91
C ALA A 248 17.10 -14.78 32.91
N LEU A 249 16.20 -14.88 33.89
CA LEU A 249 15.03 -13.99 33.97
C LEU A 249 15.25 -12.80 34.89
N VAL A 250 16.44 -12.70 35.48
CA VAL A 250 16.77 -11.60 36.39
C VAL A 250 18.04 -10.91 35.92
N PRO A 251 18.25 -9.63 36.31
CA PRO A 251 19.42 -8.85 35.87
C PRO A 251 20.75 -9.50 36.21
N GLU A 252 21.75 -9.34 35.35
CA GLU A 252 23.05 -9.99 35.55
C GLU A 252 23.74 -9.57 36.83
N THR A 253 23.46 -8.34 37.26
CA THR A 253 24.17 -7.77 38.39
C THR A 253 23.89 -8.52 39.70
N ILE A 254 22.92 -9.46 39.69
CA ILE A 254 22.62 -10.23 40.90
C ILE A 254 22.87 -11.72 40.74
N HIS A 255 23.40 -12.10 39.58
CA HIS A 255 23.65 -13.51 39.27
C HIS A 255 24.66 -14.18 40.20
N ASP A 256 25.79 -13.52 40.41
CA ASP A 256 26.86 -14.08 41.21
C ASP A 256 26.44 -14.28 42.66
N GLU A 257 25.83 -13.25 43.24
CA GLU A 257 25.38 -13.31 44.64
C GLU A 257 24.47 -14.52 44.77
N LEU A 258 23.53 -14.65 43.83
CA LEU A 258 22.56 -15.74 43.88
C LEU A 258 23.20 -17.10 43.62
N GLN A 259 24.14 -17.15 42.68
CA GLN A 259 24.78 -18.41 42.31
C GLN A 259 25.42 -19.03 43.54
N GLN A 260 26.09 -18.20 44.35
CA GLN A 260 26.71 -18.69 45.56
C GLN A 260 25.68 -19.14 46.59
N SER A 261 24.66 -18.31 46.82
CA SER A 261 23.61 -18.65 47.78
C SER A 261 22.92 -19.95 47.39
N PHE A 262 22.85 -20.22 46.10
CA PHE A 262 22.19 -21.43 45.62
C PHE A 262 23.06 -22.65 45.92
N GLN A 263 24.38 -22.49 45.77
CA GLN A 263 25.28 -23.60 46.02
C GLN A 263 25.32 -23.97 47.50
N LYS A 264 25.32 -22.96 48.37
CA LYS A 264 25.34 -23.18 49.82
C LYS A 264 23.99 -23.66 50.41
N SER A 265 22.89 -23.49 49.68
CA SER A 265 21.58 -23.95 50.18
C SER A 265 21.36 -25.40 49.76
N HIS A 266 20.33 -26.03 50.34
CA HIS A 266 20.14 -27.46 50.20
C HIS A 266 19.00 -27.82 49.24
N ASN A 267 17.91 -27.06 49.32
CA ASN A 267 16.74 -27.31 48.49
C ASN A 267 16.24 -26.03 47.81
N SER A 268 15.17 -26.15 47.04
CA SER A 268 14.63 -25.02 46.29
C SER A 268 13.96 -24.01 47.20
N LEU A 269 13.38 -24.48 48.29
CA LEU A 269 12.72 -23.57 49.23
C LEU A 269 13.72 -22.58 49.80
N GLN A 270 14.92 -23.07 50.13
CA GLN A 270 15.93 -22.19 50.68
C GLN A 270 16.34 -21.20 49.61
N ARG A 271 16.53 -21.72 48.41
CA ARG A 271 17.07 -20.92 47.31
C ARG A 271 16.08 -19.90 46.80
N TRP A 272 14.80 -20.27 46.79
CA TRP A 272 13.78 -19.34 46.35
C TRP A 272 13.68 -18.17 47.30
N GLU A 273 13.86 -18.46 48.57
CA GLU A 273 13.78 -17.42 49.59
C GLU A 273 14.96 -16.47 49.41
N HIS A 274 16.10 -17.01 48.98
CA HIS A 274 17.29 -16.19 48.72
C HIS A 274 17.02 -15.28 47.52
N LEU A 275 16.42 -15.86 46.49
CA LEU A 275 16.08 -15.10 45.30
C LEU A 275 15.22 -13.92 45.70
N LYS A 276 14.23 -14.20 46.56
CA LYS A 276 13.29 -13.18 47.03
C LYS A 276 14.00 -12.03 47.76
N LYS A 277 14.92 -12.34 48.66
CA LYS A 277 15.63 -11.30 49.39
C LYS A 277 16.51 -10.45 48.47
N VAL A 278 17.29 -11.12 47.62
CA VAL A 278 18.22 -10.44 46.73
C VAL A 278 17.52 -9.56 45.69
N ALA A 279 16.44 -10.07 45.11
CA ALA A 279 15.69 -9.31 44.13
C ALA A 279 15.06 -8.09 44.78
N SER A 280 14.57 -8.28 45.99
CA SER A 280 13.95 -7.20 46.75
C SER A 280 14.93 -6.05 46.98
N ARG A 281 16.17 -6.35 47.32
CA ARG A 281 17.18 -5.31 47.52
C ARG A 281 17.37 -4.55 46.25
N TYR A 282 17.30 -5.30 45.16
CA TYR A 282 17.55 -4.76 43.83
C TYR A 282 16.50 -3.71 43.49
N GLN A 283 15.29 -3.89 44.04
CA GLN A 283 14.19 -2.93 43.82
C GLN A 283 14.50 -1.54 44.35
N ASN A 284 15.27 -1.49 45.43
CA ASN A 284 15.44 -0.26 46.20
C ASN A 284 16.16 0.85 45.44
N ASN A 285 17.17 0.47 44.66
CA ASN A 285 17.96 1.43 43.88
C ASN A 285 17.55 1.41 42.41
N PRO A 293 12.61 -4.62 38.36
CA PRO A 293 11.69 -4.11 39.38
C PRO A 293 10.88 -5.18 40.13
N TRP A 294 10.11 -6.02 39.45
CA TRP A 294 9.32 -7.03 40.15
C TRP A 294 9.75 -8.45 39.80
N LEU A 295 11.03 -8.71 40.00
CA LEU A 295 11.63 -9.95 39.55
C LEU A 295 10.92 -11.19 40.08
N GLU A 296 10.53 -11.16 41.35
CA GLU A 296 9.92 -12.34 41.97
C GLU A 296 8.64 -12.73 41.25
N TRP A 297 7.82 -11.73 40.95
CA TRP A 297 6.52 -11.97 40.33
C TRP A 297 6.62 -12.34 38.87
N GLU A 298 7.57 -11.74 38.17
CA GLU A 298 7.76 -12.04 36.76
C GLU A 298 8.17 -13.50 36.63
N ILE A 299 8.93 -14.00 37.60
CA ILE A 299 9.36 -15.38 37.55
C ILE A 299 8.18 -16.29 37.80
N MET A 300 7.36 -15.97 38.80
CA MET A 300 6.19 -16.78 39.12
C MET A 300 5.19 -16.80 37.97
N LEU A 301 4.94 -15.63 37.39
CA LEU A 301 4.06 -15.54 36.24
C LEU A 301 4.63 -16.37 35.07
N GLN A 302 5.92 -16.24 34.78
CA GLN A 302 6.50 -17.00 33.67
C GLN A 302 6.39 -18.51 33.87
N TYR A 303 6.39 -18.97 35.12
CA TYR A 303 6.39 -20.40 35.41
C TYR A 303 5.02 -20.99 35.66
N CYS A 304 4.03 -20.13 35.97
CA CYS A 304 2.72 -20.59 36.42
C CYS A 304 1.50 -19.93 35.75
N PHE A 305 1.68 -18.79 35.11
CA PHE A 305 0.56 -18.07 34.48
C PHE A 305 0.10 -18.73 33.19
N PRO A 306 -1.22 -18.74 32.91
CA PRO A 306 -1.70 -19.50 31.75
C PRO A 306 -1.20 -19.03 30.39
N ARG A 307 -0.96 -19.99 29.48
CA ARG A 307 -0.66 -19.69 28.08
C ARG A 307 -1.86 -20.00 27.21
N LEU A 308 -2.25 -19.02 26.41
CA LEU A 308 -3.48 -19.09 25.62
C LEU A 308 -3.22 -18.98 24.12
N ASP A 309 -3.80 -19.90 23.35
CA ASP A 309 -3.70 -19.85 21.90
C ASP A 309 -4.66 -18.78 21.38
N ILE A 310 -4.14 -17.62 20.97
CA ILE A 310 -5.00 -16.53 20.53
C ILE A 310 -5.91 -16.91 19.37
N ASN A 311 -5.45 -17.84 18.54
CA ASN A 311 -6.21 -18.23 17.35
C ASN A 311 -7.52 -18.95 17.66
N VAL A 312 -7.53 -19.73 18.73
CA VAL A 312 -8.72 -20.48 19.09
C VAL A 312 -9.84 -19.52 19.48
N SER A 313 -9.49 -18.43 20.15
CA SER A 313 -10.49 -17.53 20.72
C SER A 313 -10.79 -16.32 19.85
N LYS A 314 -9.95 -16.06 18.85
CA LYS A 314 -10.13 -14.88 18.01
C LYS A 314 -11.29 -15.05 17.05
N GLY A 315 -11.26 -16.16 16.30
CA GLY A 315 -12.19 -16.41 15.21
C GLY A 315 -13.56 -16.93 15.63
N ILE A 316 -14.62 -16.31 15.11
CA ILE A 316 -15.97 -16.75 15.42
C ILE A 316 -16.26 -18.10 14.76
N ASN A 317 -15.57 -18.38 13.66
CA ASN A 317 -15.83 -19.60 12.92
C ASN A 317 -14.94 -20.76 13.35
N HIS A 318 -14.41 -20.69 14.57
CA HIS A 318 -13.46 -21.71 15.01
C HIS A 318 -14.21 -22.93 15.54
N LEU A 319 -13.78 -24.11 15.09
CA LEU A 319 -14.39 -25.37 15.47
C LEU A 319 -13.65 -25.95 16.66
N LEU A 320 -14.29 -26.12 17.81
CA LEU A 320 -13.62 -26.68 18.98
C LEU A 320 -14.23 -28.02 19.38
N LYS A 321 -13.36 -28.93 19.84
CA LYS A 321 -13.76 -30.26 20.30
C LYS A 321 -14.97 -30.19 21.23
N SER A 322 -16.01 -30.94 20.89
CA SER A 322 -17.27 -30.92 21.62
C SER A 322 -17.17 -31.59 22.99
N PRO A 323 -17.89 -31.07 23.98
CA PRO A 323 -17.99 -31.80 25.25
C PRO A 323 -18.52 -33.21 25.04
N PHE A 324 -18.14 -34.13 25.93
CA PHE A 324 -18.57 -35.52 25.83
C PHE A 324 -18.12 -36.19 24.53
N SER A 325 -17.06 -35.66 23.90
CA SER A 325 -16.42 -36.34 22.77
C SER A 325 -15.53 -37.43 23.35
N VAL A 326 -15.03 -38.32 22.51
CA VAL A 326 -14.12 -39.38 22.95
C VAL A 326 -12.73 -39.15 22.37
N HIS A 327 -11.73 -39.13 23.24
CA HIS A 327 -10.36 -38.96 22.79
C HIS A 327 -9.84 -40.24 22.13
N PRO A 328 -9.52 -40.18 20.82
CA PRO A 328 -9.10 -41.37 20.06
C PRO A 328 -7.92 -42.19 20.59
N LYS A 329 -7.10 -41.61 21.45
CA LYS A 329 -5.87 -42.27 21.91
C LYS A 329 -5.93 -42.62 23.39
N THR A 330 -6.33 -41.66 24.21
CA THR A 330 -6.44 -41.86 25.65
C THR A 330 -7.74 -42.55 26.01
N GLY A 331 -8.75 -42.36 25.15
CA GLY A 331 -10.06 -42.94 25.38
C GLY A 331 -10.89 -42.17 26.39
N ARG A 332 -10.32 -41.12 26.99
CA ARG A 332 -11.02 -40.34 27.99
C ARG A 332 -12.18 -39.55 27.38
N ILE A 333 -13.17 -39.26 28.21
CA ILE A 333 -14.34 -38.49 27.80
C ILE A 333 -14.05 -37.01 28.07
N SER A 334 -14.35 -36.15 27.11
CA SER A 334 -14.28 -34.72 27.37
C SER A 334 -15.37 -34.33 28.37
N VAL A 335 -15.03 -34.40 29.65
CA VAL A 335 -16.03 -34.28 30.71
C VAL A 335 -16.03 -32.89 31.31
N PRO A 336 -17.21 -32.37 31.70
CA PRO A 336 -17.24 -31.06 32.37
C PRO A 336 -16.51 -31.06 33.71
N ILE A 337 -15.94 -29.91 34.07
CA ILE A 337 -15.15 -29.77 35.28
C ILE A 337 -15.93 -28.92 36.28
N ASP A 338 -16.11 -29.49 37.48
CA ASP A 338 -16.83 -28.82 38.54
C ASP A 338 -15.93 -27.73 39.11
N LEU A 339 -16.32 -26.46 38.89
CA LEU A 339 -15.50 -25.33 39.35
C LEU A 339 -15.30 -25.28 40.86
N GLN A 340 -16.26 -25.83 41.60
CA GLN A 340 -16.17 -25.83 43.06
C GLN A 340 -15.15 -26.88 43.53
N LYS A 341 -14.93 -27.90 42.70
CA LYS A 341 -13.98 -28.97 43.04
C LYS A 341 -12.79 -28.96 42.08
N VAL A 342 -12.33 -27.78 41.68
CA VAL A 342 -11.28 -27.69 40.66
C VAL A 342 -9.93 -28.21 41.16
N ASP A 343 -9.60 -27.99 42.43
CA ASP A 343 -8.33 -28.46 42.97
C ASP A 343 -8.37 -29.98 43.09
N GLN A 344 -9.57 -30.52 43.06
CA GLN A 344 -9.77 -31.96 43.26
C GLN A 344 -9.89 -32.69 41.92
N PHE A 345 -9.98 -31.95 40.82
CA PHE A 345 -10.11 -32.58 39.50
C PHE A 345 -8.87 -33.40 39.19
N ASP A 346 -9.10 -34.58 38.61
CA ASP A 346 -8.03 -35.54 38.33
C ASP A 346 -8.19 -36.06 36.91
N PRO A 347 -7.27 -35.68 36.01
CA PRO A 347 -7.44 -36.14 34.63
C PRO A 347 -7.14 -37.62 34.44
N PHE A 348 -6.64 -38.28 35.49
CA PHE A 348 -6.23 -39.68 35.38
C PHE A 348 -7.31 -40.64 35.90
N THR A 349 -8.33 -40.08 36.55
CA THR A 349 -9.49 -40.85 36.97
C THR A 349 -10.72 -40.46 36.17
N VAL A 350 -10.54 -39.66 35.14
CA VAL A 350 -11.64 -39.32 34.25
C VAL A 350 -12.05 -40.58 33.50
N PRO A 351 -13.34 -40.94 33.52
CA PRO A 351 -13.81 -42.16 32.87
C PRO A 351 -13.40 -42.28 31.41
N THR A 352 -12.93 -43.47 31.03
CA THR A 352 -12.69 -43.76 29.62
C THR A 352 -13.93 -44.39 29.02
N ILE A 353 -13.99 -44.41 27.69
CA ILE A 353 -15.14 -44.96 27.00
C ILE A 353 -15.27 -46.46 27.26
N SER A 354 -14.14 -47.15 27.43
CA SER A 354 -14.17 -48.58 27.69
C SER A 354 -14.73 -48.84 29.08
N PHE A 355 -14.54 -47.88 29.97
CA PHE A 355 -14.96 -48.05 31.36
C PHE A 355 -16.45 -47.83 31.53
N ILE A 356 -17.02 -46.86 30.84
CA ILE A 356 -18.44 -46.57 31.00
C ILE A 356 -19.28 -47.52 30.14
N CYS A 357 -18.64 -48.14 29.14
CA CYS A 357 -19.32 -49.18 28.38
C CYS A 357 -19.23 -50.49 29.16
N ARG A 358 -18.10 -50.70 29.83
CA ARG A 358 -17.95 -51.85 30.73
C ARG A 358 -19.03 -51.85 31.81
N GLU A 359 -19.29 -50.69 32.40
CA GLU A 359 -20.29 -50.56 33.46
C GLU A 359 -21.72 -50.75 32.94
N LEU A 360 -21.97 -50.30 31.72
CA LEU A 360 -23.29 -50.44 31.11
C LEU A 360 -23.56 -51.90 30.72
N ASP A 361 -22.48 -52.65 30.47
CA ASP A 361 -22.57 -54.07 30.14
C ASP A 361 -22.60 -54.93 31.40
N ALA A 362 -22.79 -54.30 32.55
CA ALA A 362 -22.82 -55.01 33.82
C ALA A 362 -24.14 -54.75 34.55
N ILE A 363 -25.20 -54.53 33.78
CA ILE A 363 -26.53 -54.31 34.35
C ILE A 363 -27.60 -54.99 33.49
N ARG A 382 -34.72 -46.39 30.23
CA ARG A 382 -33.92 -46.44 29.01
C ARG A 382 -33.20 -45.11 28.76
N THR A 383 -33.68 -44.06 29.43
CA THR A 383 -33.15 -42.71 29.24
C THR A 383 -32.15 -42.31 30.32
N ARG A 384 -32.14 -43.07 31.41
CA ARG A 384 -31.28 -42.78 32.55
C ARG A 384 -30.24 -43.88 32.69
N ASP A 385 -29.81 -44.44 31.57
CA ASP A 385 -28.84 -45.52 31.59
C ASP A 385 -27.45 -44.99 31.93
N TYR A 386 -27.21 -43.73 31.60
CA TYR A 386 -25.89 -43.14 31.83
C TYR A 386 -25.70 -42.85 33.32
N LYS A 387 -26.80 -42.57 34.02
CA LYS A 387 -26.74 -42.26 35.44
C LYS A 387 -26.19 -43.42 36.26
N LYS A 388 -26.19 -44.60 35.67
CA LYS A 388 -25.69 -45.80 36.33
C LYS A 388 -24.18 -45.96 36.12
N THR A 389 -23.66 -45.29 35.11
CA THR A 389 -22.23 -45.33 34.82
C THR A 389 -21.48 -44.24 35.60
N SER A 390 -20.15 -44.25 35.49
CA SER A 390 -19.30 -43.27 36.17
C SER A 390 -19.33 -41.92 35.46
N LEU A 391 -20.03 -41.87 34.35
CA LEU A 391 -20.21 -40.65 33.58
C LEU A 391 -21.21 -39.70 34.22
N ALA A 392 -21.99 -40.21 35.17
CA ALA A 392 -23.14 -39.47 35.69
C ALA A 392 -22.80 -38.11 36.34
N PRO A 393 -21.87 -38.11 37.31
CA PRO A 393 -21.62 -36.87 38.06
C PRO A 393 -21.18 -35.72 37.17
N TYR A 394 -20.62 -36.05 36.01
CA TYR A 394 -20.17 -35.03 35.07
C TYR A 394 -21.36 -34.50 34.28
N VAL A 395 -22.33 -35.37 34.00
CA VAL A 395 -23.53 -34.93 33.32
C VAL A 395 -24.31 -34.03 34.26
N LYS A 396 -24.19 -34.26 35.56
CA LYS A 396 -24.85 -33.43 36.55
C LYS A 396 -24.36 -32.01 36.47
N VAL A 397 -23.04 -31.88 36.35
CA VAL A 397 -22.39 -30.59 36.23
C VAL A 397 -22.85 -29.87 34.98
N PHE A 398 -22.97 -30.63 33.89
CA PHE A 398 -23.43 -30.04 32.64
C PHE A 398 -24.87 -29.58 32.85
N GLU A 399 -25.64 -30.35 33.61
CA GLU A 399 -27.02 -29.99 33.89
C GLU A 399 -27.11 -28.71 34.74
N HIS A 400 -26.30 -28.62 35.79
N HIS A 400 -26.30 -28.64 35.80
CA HIS A 400 -26.23 -27.41 36.60
CA HIS A 400 -26.23 -27.43 36.60
C HIS A 400 -25.79 -26.22 35.74
C HIS A 400 -25.82 -26.23 35.73
N PHE A 401 -24.98 -26.49 34.73
CA PHE A 401 -24.61 -25.46 33.77
C PHE A 401 -25.85 -25.06 32.97
N LEU A 402 -26.63 -26.06 32.57
CA LEU A 402 -27.83 -25.83 31.78
C LEU A 402 -28.95 -25.17 32.57
N GLU A 403 -29.09 -25.55 33.84
CA GLU A 403 -30.13 -24.99 34.69
C GLU A 403 -29.99 -23.47 34.82
N ASN A 404 -28.76 -23.03 35.13
CA ASN A 404 -28.47 -21.62 35.33
C ASN A 404 -28.71 -20.81 34.06
N LEU A 405 -28.57 -21.44 32.90
CA LEU A 405 -28.86 -20.79 31.63
C LEU A 405 -30.35 -20.50 31.49
N ASP A 406 -31.16 -21.48 31.84
CA ASP A 406 -32.62 -21.36 31.76
C ASP A 406 -33.10 -20.19 32.62
N LYS A 407 -32.64 -20.16 33.87
CA LYS A 407 -33.05 -19.14 34.83
C LYS A 407 -32.75 -17.75 34.28
N SER A 408 -31.59 -17.60 33.65
CA SER A 408 -31.18 -16.32 33.10
C SER A 408 -32.11 -15.91 31.95
N ARG A 409 -32.49 -16.86 31.10
CA ARG A 409 -33.37 -16.54 29.98
C ARG A 409 -34.73 -16.09 30.50
N LYS A 410 -35.16 -16.71 31.59
CA LYS A 410 -36.44 -16.37 32.21
C LYS A 410 -36.38 -15.04 32.94
N GLY A 411 -35.43 -14.92 33.87
CA GLY A 411 -35.26 -13.70 34.65
C GLY A 411 -34.85 -14.01 36.08
N GLU A 412 -35.15 -15.22 36.52
CA GLU A 412 -34.83 -15.65 37.88
C GLU A 412 -33.32 -15.72 38.13
N LEU A 413 -32.89 -15.16 39.25
CA LEU A 413 -31.46 -15.05 39.59
C LEU A 413 -30.83 -16.40 39.91
N LEU B 11 -16.64 16.84 -4.16
CA LEU B 11 -16.49 18.27 -3.97
C LEU B 11 -16.54 19.00 -5.32
N ARG B 12 -17.09 20.21 -5.33
CA ARG B 12 -17.18 21.01 -6.55
C ARG B 12 -16.86 22.48 -6.28
N LEU B 13 -16.35 23.17 -7.29
CA LEU B 13 -16.10 24.60 -7.21
C LEU B 13 -17.44 25.34 -7.18
N ALA B 14 -18.42 24.78 -7.87
CA ALA B 14 -19.79 25.25 -7.81
C ALA B 14 -20.72 24.06 -7.62
N GLY B 15 -21.29 23.94 -6.42
CA GLY B 15 -22.09 22.78 -6.04
C GLY B 15 -23.27 22.53 -6.97
N TYR B 29 -17.01 16.94 10.55
CA TYR B 29 -16.43 16.27 9.39
C TYR B 29 -17.23 15.04 8.99
N LEU B 30 -18.52 15.24 8.72
CA LEU B 30 -19.41 14.16 8.32
C LEU B 30 -19.90 14.30 6.88
N GLN B 31 -20.51 15.45 6.57
CA GLN B 31 -21.10 15.68 5.26
C GLN B 31 -20.24 16.55 4.32
N PRO B 32 -20.16 16.18 3.02
CA PRO B 32 -19.45 17.01 2.03
C PRO B 32 -19.96 18.45 2.02
N PRO B 33 -19.08 19.45 2.02
CA PRO B 33 -19.57 20.83 2.03
C PRO B 33 -20.21 21.27 0.70
N SER B 34 -21.47 21.70 0.77
CA SER B 34 -22.20 22.20 -0.39
C SER B 34 -22.06 23.72 -0.48
N GLU B 35 -20.96 24.19 -1.06
CA GLU B 35 -20.68 25.61 -1.17
C GLU B 35 -19.82 25.99 -2.36
N ASN B 36 -20.07 27.17 -2.93
CA ASN B 36 -19.28 27.65 -4.06
C ASN B 36 -17.99 28.27 -3.57
N ILE B 37 -16.89 27.87 -4.19
CA ILE B 37 -15.57 28.42 -3.89
C ILE B 37 -14.85 28.72 -5.20
N SER B 38 -14.01 29.74 -5.19
CA SER B 38 -13.27 30.13 -6.38
C SER B 38 -11.99 29.31 -6.50
N LEU B 39 -11.48 29.19 -7.72
CA LEU B 39 -10.27 28.42 -7.96
C LEU B 39 -9.08 29.04 -7.21
N ILE B 40 -9.15 30.35 -6.96
CA ILE B 40 -8.09 31.01 -6.20
C ILE B 40 -8.23 30.66 -4.73
N GLU B 41 -9.47 30.67 -4.22
CA GLU B 41 -9.73 30.27 -2.83
C GLU B 41 -9.44 28.79 -2.61
N PHE B 42 -9.81 27.96 -3.58
CA PHE B 42 -9.58 26.52 -3.53
C PHE B 42 -8.14 26.16 -3.17
N GLU B 43 -7.21 26.61 -4.02
CA GLU B 43 -5.79 26.32 -3.83
C GLU B 43 -5.24 27.04 -2.59
N ASN B 44 -5.74 28.25 -2.34
CA ASN B 44 -5.35 29.01 -1.16
C ASN B 44 -5.74 28.28 0.12
N LEU B 45 -7.00 27.86 0.20
CA LEU B 45 -7.50 27.13 1.36
C LEU B 45 -6.73 25.83 1.55
N ALA B 46 -6.43 25.18 0.44
CA ALA B 46 -5.68 23.93 0.46
C ALA B 46 -4.25 24.15 0.97
N ILE B 47 -3.53 25.08 0.36
CA ILE B 47 -2.15 25.37 0.76
C ILE B 47 -2.06 25.71 2.25
N ASP B 48 -3.01 26.52 2.74
CA ASP B 48 -3.04 26.91 4.15
C ASP B 48 -3.07 25.70 5.08
N ARG B 49 -4.03 24.80 4.84
CA ARG B 49 -4.19 23.65 5.72
C ARG B 49 -2.97 22.74 5.67
N VAL B 50 -2.35 22.61 4.49
CA VAL B 50 -1.13 21.81 4.37
C VAL B 50 -0.05 22.33 5.31
N LYS B 51 0.07 23.65 5.40
CA LYS B 51 0.97 24.26 6.38
C LYS B 51 0.56 23.85 7.79
N LEU B 52 -0.72 24.00 8.09
CA LEU B 52 -1.25 23.66 9.42
C LEU B 52 -0.95 22.23 9.84
N LEU B 53 -1.20 21.27 8.95
CA LEU B 53 -0.94 19.87 9.28
C LEU B 53 0.55 19.63 9.46
N LYS B 54 1.36 20.29 8.64
CA LYS B 54 2.80 20.19 8.76
C LYS B 54 3.28 20.87 10.03
N SER B 55 2.51 21.83 10.54
CA SER B 55 2.80 22.45 11.82
C SER B 55 2.56 21.46 12.96
N VAL B 56 1.44 20.75 12.88
CA VAL B 56 1.08 19.74 13.89
C VAL B 56 2.14 18.64 13.94
N GLU B 57 2.71 18.31 12.79
CA GLU B 57 3.77 17.30 12.73
C GLU B 57 5.06 17.82 13.36
N ASN B 58 5.28 19.12 13.25
CA ASN B 58 6.46 19.76 13.84
C ASN B 58 6.36 19.88 15.36
N LEU B 59 5.19 20.30 15.84
CA LEU B 59 4.97 20.47 17.27
C LEU B 59 4.86 19.13 18.00
N GLY B 60 4.56 18.06 17.26
CA GLY B 60 4.44 16.75 17.87
C GLY B 60 5.77 16.07 18.13
N VAL B 61 6.75 16.31 17.26
CA VAL B 61 8.07 15.72 17.41
C VAL B 61 8.96 16.56 18.33
N SER B 62 8.87 17.88 18.18
CA SER B 62 9.60 18.80 19.04
C SER B 62 9.14 18.76 20.49
N TYR B 63 7.95 19.30 20.75
CA TYR B 63 7.42 19.41 22.11
C TYR B 63 6.58 18.19 22.48
N VAL B 64 5.93 18.26 23.65
CA VAL B 64 4.98 17.24 24.08
C VAL B 64 3.61 17.87 24.38
N LYS B 65 2.54 17.18 24.01
CA LYS B 65 1.18 17.68 24.22
C LYS B 65 0.93 17.99 25.70
N GLY B 66 0.24 19.09 25.97
CA GLY B 66 -0.10 19.49 27.33
C GLY B 66 0.67 20.73 27.75
N THR B 67 1.97 20.74 27.46
CA THR B 67 2.84 21.85 27.83
C THR B 67 2.34 23.14 27.20
N GLU B 68 2.53 24.26 27.90
CA GLU B 68 2.02 25.55 27.44
C GLU B 68 2.54 25.89 26.05
N GLN B 69 3.71 25.36 25.69
CA GLN B 69 4.26 25.54 24.34
C GLN B 69 3.34 24.97 23.27
N TYR B 70 3.06 23.67 23.38
CA TYR B 70 2.10 23.00 22.51
C TYR B 70 0.75 23.72 22.44
N GLN B 71 0.18 24.02 23.62
CA GLN B 71 -1.13 24.66 23.69
C GLN B 71 -1.15 26.08 23.14
N SER B 72 0.03 26.67 22.96
CA SER B 72 0.14 28.02 22.40
C SER B 72 0.54 28.00 20.93
N LYS B 73 1.59 27.25 20.61
CA LYS B 73 2.10 27.18 19.24
C LYS B 73 1.04 26.66 18.27
N LEU B 74 0.32 25.61 18.66
CA LEU B 74 -0.75 25.11 17.82
C LEU B 74 -1.90 26.11 17.74
N GLU B 75 -2.20 26.74 18.88
CA GLU B 75 -3.22 27.78 18.94
C GLU B 75 -2.78 28.96 18.07
N SER B 76 -1.47 29.18 18.02
CA SER B 76 -0.89 30.25 17.21
C SER B 76 -1.02 29.94 15.72
N GLU B 77 -0.58 28.76 15.32
CA GLU B 77 -0.61 28.36 13.92
C GLU B 77 -2.04 28.30 13.40
N LEU B 78 -2.98 27.91 14.27
CA LEU B 78 -4.39 27.91 13.88
C LEU B 78 -4.89 29.34 13.72
N ARG B 79 -4.44 30.21 14.62
CA ARG B 79 -4.80 31.63 14.54
C ARG B 79 -4.18 32.29 13.30
N LYS B 80 -2.94 31.93 13.00
CA LYS B 80 -2.20 32.54 11.90
C LYS B 80 -2.74 32.14 10.52
N LEU B 81 -3.28 30.93 10.45
CA LEU B 81 -3.78 30.39 9.19
C LEU B 81 -5.31 30.47 9.11
N LYS B 82 -5.88 31.42 9.86
CA LYS B 82 -7.31 31.74 9.83
C LYS B 82 -8.24 30.52 9.98
N PHE B 83 -7.82 29.57 10.82
CA PHE B 83 -8.66 28.42 11.16
C PHE B 83 -9.01 28.41 12.66
N SER B 84 -10.18 28.93 13.00
CA SER B 84 -10.59 29.04 14.40
C SER B 84 -10.67 27.68 15.08
N PRO B 95 -13.40 31.13 8.98
CA PRO B 95 -13.40 30.75 10.39
C PRO B 95 -13.90 29.30 10.58
N ARG B 96 -15.17 29.09 10.88
CA ARG B 96 -15.75 27.75 10.95
C ARG B 96 -15.96 27.23 9.55
N ARG B 97 -16.33 28.14 8.66
CA ARG B 97 -16.57 27.85 7.26
C ARG B 97 -15.29 27.41 6.57
N ARG B 98 -14.20 28.11 6.87
CA ARG B 98 -12.90 27.82 6.29
C ARG B 98 -12.38 26.44 6.66
N ASP B 99 -12.48 26.06 7.93
CA ASP B 99 -11.99 24.76 8.38
C ASP B 99 -12.70 23.56 7.76
N HIS B 100 -14.00 23.67 7.55
CA HIS B 100 -14.77 22.55 7.02
C HIS B 100 -14.34 22.24 5.59
N ILE B 101 -14.37 23.24 4.71
CA ILE B 101 -14.03 23.01 3.31
C ILE B 101 -12.59 22.54 3.14
N SER B 102 -11.65 23.17 3.85
CA SER B 102 -10.23 22.86 3.71
C SER B 102 -9.95 21.39 3.98
N HIS B 103 -10.64 20.83 4.97
CA HIS B 103 -10.44 19.45 5.37
C HIS B 103 -10.84 18.51 4.24
N PHE B 104 -11.91 18.87 3.54
CA PHE B 104 -12.47 18.03 2.50
C PHE B 104 -11.70 18.16 1.18
N ILE B 105 -10.92 19.22 1.06
CA ILE B 105 -10.09 19.41 -0.13
C ILE B 105 -8.89 18.47 -0.03
N LEU B 106 -8.27 18.44 1.14
CA LEU B 106 -7.07 17.64 1.36
C LEU B 106 -7.38 16.15 1.27
N ARG B 107 -8.64 15.77 1.46
CA ARG B 107 -9.02 14.37 1.36
C ARG B 107 -8.69 13.82 -0.03
N LEU B 108 -8.97 14.63 -1.05
CA LEU B 108 -8.67 14.27 -2.43
C LEU B 108 -7.18 14.03 -2.66
N ALA B 109 -6.36 14.82 -1.98
CA ALA B 109 -4.90 14.76 -2.16
C ALA B 109 -4.29 13.51 -1.53
N TYR B 110 -4.57 13.30 -0.24
CA TYR B 110 -3.85 12.30 0.56
C TYR B 110 -4.52 10.92 0.60
N CYS B 111 -5.37 10.61 -0.37
CA CYS B 111 -6.05 9.32 -0.40
C CYS B 111 -5.42 8.35 -1.40
N GLN B 112 -4.50 8.83 -2.20
CA GLN B 112 -3.98 8.08 -3.33
C GLN B 112 -3.19 6.85 -2.89
N SER B 113 -2.47 6.97 -1.78
CA SER B 113 -1.60 5.88 -1.30
C SER B 113 -1.79 5.63 0.19
N GLU B 114 -1.35 4.45 0.62
CA GLU B 114 -1.45 4.05 2.02
C GLU B 114 -0.63 4.97 2.94
N GLU B 115 0.57 5.33 2.50
CA GLU B 115 1.41 6.24 3.27
C GLU B 115 0.75 7.59 3.46
N LEU B 116 0.09 8.09 2.41
CA LEU B 116 -0.52 9.41 2.46
C LEU B 116 -1.73 9.44 3.40
N ARG B 117 -2.53 8.38 3.38
CA ARG B 117 -3.70 8.32 4.25
C ARG B 117 -3.25 8.30 5.71
N ARG B 118 -2.27 7.45 6.02
CA ARG B 118 -1.77 7.34 7.40
C ARG B 118 -1.29 8.69 7.93
N TRP B 119 -0.56 9.43 7.12
CA TRP B 119 -0.05 10.73 7.52
C TRP B 119 -1.16 11.73 7.78
N PHE B 120 -2.06 11.86 6.80
CA PHE B 120 -3.17 12.81 6.88
C PHE B 120 -4.04 12.54 8.10
N ILE B 121 -4.24 11.26 8.42
CA ILE B 121 -5.08 10.89 9.54
C ILE B 121 -4.47 11.35 10.86
N GLN B 122 -3.21 10.99 11.10
CA GLN B 122 -2.55 11.31 12.36
C GLN B 122 -2.52 12.81 12.65
N GLN B 123 -2.14 13.61 11.66
CA GLN B 123 -2.05 15.04 11.85
C GLN B 123 -3.41 15.66 12.12
N GLU B 124 -4.43 15.14 11.46
CA GLU B 124 -5.79 15.63 11.66
C GLU B 124 -6.33 15.15 12.99
N MET B 125 -5.85 14.00 13.42
CA MET B 125 -6.20 13.44 14.73
C MET B 125 -5.65 14.30 15.85
N ASP B 126 -4.32 14.51 15.83
CA ASP B 126 -3.66 15.36 16.83
C ASP B 126 -4.35 16.72 16.92
N LEU B 127 -4.82 17.22 15.78
CA LEU B 127 -5.55 18.48 15.74
C LEU B 127 -6.88 18.36 16.48
N LEU B 128 -7.60 17.28 16.20
CA LEU B 128 -8.89 17.03 16.83
C LEU B 128 -8.70 16.78 18.34
N ARG B 129 -7.61 16.10 18.68
CA ARG B 129 -7.24 15.84 20.06
C ARG B 129 -7.13 17.15 20.83
N PHE B 130 -6.50 18.13 20.18
CA PHE B 130 -6.35 19.46 20.75
C PHE B 130 -7.71 20.11 20.94
N ARG B 131 -8.53 20.14 19.89
CA ARG B 131 -9.81 20.83 19.94
C ARG B 131 -10.68 20.32 21.08
N PHE B 132 -10.51 19.04 21.43
CA PHE B 132 -11.24 18.46 22.56
C PHE B 132 -10.48 18.73 23.86
N SER B 133 -9.17 18.90 23.78
CA SER B 133 -8.37 19.16 24.96
C SER B 133 -8.78 20.52 25.53
N ILE B 134 -9.16 21.42 24.62
CA ILE B 134 -9.60 22.75 25.01
C ILE B 134 -11.13 22.79 25.09
N PRO B 136 -14.35 22.99 28.43
CA PRO B 136 -15.73 22.74 27.99
C PRO B 136 -16.21 21.35 28.40
N LYS B 137 -15.95 20.98 29.66
CA LYS B 137 -16.28 19.64 30.14
C LYS B 137 -17.78 19.43 30.18
N ASP B 138 -18.53 20.50 30.44
CA ASP B 138 -19.98 20.41 30.46
C ASP B 138 -20.52 19.95 29.11
N LYS B 139 -19.98 20.50 28.03
CA LYS B 139 -20.42 20.12 26.69
C LYS B 139 -19.91 18.74 26.28
N ILE B 140 -18.75 18.35 26.78
CA ILE B 140 -18.18 17.03 26.48
C ILE B 140 -19.20 15.95 26.82
N GLN B 141 -19.78 16.06 28.01
CA GLN B 141 -20.80 15.12 28.48
C GLN B 141 -22.02 15.10 27.57
N ASP B 142 -22.40 16.28 27.09
CA ASP B 142 -23.54 16.41 26.19
C ASP B 142 -23.19 15.89 24.80
N PHE B 143 -21.95 16.07 24.38
CA PHE B 143 -21.52 15.58 23.08
C PHE B 143 -21.46 14.05 23.08
N LEU B 144 -21.20 13.49 24.26
CA LEU B 144 -21.12 12.04 24.41
C LEU B 144 -22.51 11.40 24.39
N LYS B 145 -23.47 12.06 25.01
CA LYS B 145 -24.82 11.54 25.08
C LYS B 145 -25.48 11.54 23.69
N ASP B 146 -25.01 12.43 22.82
CA ASP B 146 -25.52 12.54 21.46
C ASP B 146 -24.99 11.42 20.57
N SER B 147 -23.94 10.74 21.03
CA SER B 147 -23.34 9.65 20.29
C SER B 147 -24.16 8.36 20.41
N GLN B 148 -25.21 8.38 21.23
CA GLN B 148 -26.11 7.25 21.41
C GLN B 148 -25.45 6.03 22.07
N LEU B 149 -24.20 6.19 22.52
CA LEU B 149 -23.48 5.11 23.20
C LEU B 149 -23.94 5.05 24.66
N GLN B 150 -23.31 4.17 25.45
CA GLN B 150 -23.64 4.01 26.86
C GLN B 150 -22.61 4.71 27.75
N PHE B 151 -23.09 5.60 28.60
CA PHE B 151 -22.22 6.37 29.49
C PHE B 151 -22.95 6.57 30.81
N GLU B 152 -22.20 6.51 31.90
CA GLU B 152 -22.77 6.68 33.23
C GLU B 152 -21.72 7.17 34.20
N ALA B 153 -21.86 8.41 34.64
CA ALA B 153 -20.90 8.97 35.58
C ALA B 153 -21.07 8.27 36.91
N ILE B 154 -19.98 7.72 37.43
CA ILE B 154 -20.00 7.02 38.70
C ILE B 154 -20.18 8.00 39.85
N SER B 155 -20.66 7.51 40.99
CA SER B 155 -20.78 8.37 42.16
C SER B 155 -19.41 8.61 42.76
N ASP B 156 -19.35 9.51 43.74
CA ASP B 156 -18.10 9.80 44.43
C ASP B 156 -17.88 8.75 45.50
N GLU B 157 -18.99 8.18 45.97
CA GLU B 157 -18.96 7.13 46.97
C GLU B 157 -18.30 5.86 46.41
N GLU B 158 -18.73 5.48 45.21
CA GLU B 158 -18.19 4.30 44.53
C GLU B 158 -16.80 4.55 43.96
N LYS B 159 -16.51 5.80 43.66
CA LYS B 159 -15.20 6.22 43.15
C LYS B 159 -14.08 5.99 44.16
N THR B 160 -14.35 6.29 45.43
CA THR B 160 -13.33 6.17 46.48
C THR B 160 -13.17 4.74 46.93
N LEU B 161 -14.08 3.87 46.50
CA LEU B 161 -14.02 2.45 46.84
C LEU B 161 -13.07 1.79 45.84
N ARG B 162 -13.13 2.26 44.60
CA ARG B 162 -12.30 1.74 43.52
C ARG B 162 -11.09 2.62 43.24
N GLU B 163 -10.69 3.45 44.20
CA GLU B 163 -9.58 4.38 43.98
C GLU B 163 -8.28 3.64 43.68
N GLN B 164 -8.00 2.60 44.45
CA GLN B 164 -6.78 1.81 44.30
C GLN B 164 -6.75 1.09 42.96
N GLU B 165 -7.91 0.61 42.56
CA GLU B 165 -8.08 -0.13 41.32
C GLU B 165 -7.78 0.73 40.11
N ILE B 166 -8.47 1.87 40.01
CA ILE B 166 -8.40 2.73 38.83
C ILE B 166 -7.04 3.40 38.68
N VAL B 167 -6.39 3.67 39.81
CA VAL B 167 -5.09 4.31 39.76
C VAL B 167 -4.06 3.31 39.26
N ALA B 168 -4.34 2.02 39.45
CA ALA B 168 -3.41 0.97 39.06
C ALA B 168 -3.69 0.46 37.65
N SER B 169 -4.92 0.62 37.18
CA SER B 169 -5.30 0.11 35.87
C SER B 169 -4.98 1.10 34.76
N SER B 170 -5.03 2.39 35.04
CA SER B 170 -4.82 3.40 34.00
C SER B 170 -3.44 4.03 34.19
N PRO B 171 -2.48 3.72 33.30
CA PRO B 171 -1.21 4.41 33.52
C PRO B 171 -1.20 5.89 33.13
N SER B 172 -2.34 6.44 32.70
CA SER B 172 -2.39 7.85 32.34
C SER B 172 -2.77 8.68 33.56
N LEU B 173 -2.87 8.01 34.70
CA LEU B 173 -3.13 8.66 35.98
C LEU B 173 -1.91 8.46 36.86
N SER B 174 -0.81 9.13 36.50
CA SER B 174 0.45 8.93 37.21
C SER B 174 0.32 9.39 38.65
N GLY B 175 -0.51 10.40 38.88
CA GLY B 175 -0.79 10.88 40.23
C GLY B 175 -1.86 10.04 40.89
N LEU B 176 -1.68 9.77 42.18
CA LEU B 176 -2.57 8.88 42.92
C LEU B 176 -3.83 9.58 43.43
N LYS B 177 -4.07 10.79 42.96
CA LYS B 177 -5.15 11.59 43.52
C LYS B 177 -6.49 10.97 43.14
N LEU B 178 -6.87 11.11 41.88
CA LEU B 178 -8.18 10.65 41.41
C LEU B 178 -9.28 11.19 42.31
N GLY B 179 -9.61 12.45 42.12
CA GLY B 179 -10.68 13.09 42.88
C GLY B 179 -11.31 14.25 42.16
N PHE B 180 -10.68 14.69 41.08
CA PHE B 180 -11.15 15.85 40.33
C PHE B 180 -11.87 15.43 39.04
N GLU B 181 -11.17 14.77 38.13
CA GLU B 181 -11.85 14.26 36.94
C GLU B 181 -12.86 13.19 37.34
N SER B 182 -13.80 12.94 36.44
CA SER B 182 -14.87 11.97 36.67
C SER B 182 -14.63 10.73 35.83
N ILE B 183 -14.78 9.57 36.45
CA ILE B 183 -14.60 8.31 35.77
C ILE B 183 -15.99 7.74 35.42
N TYR B 184 -16.19 7.48 34.13
CA TYR B 184 -17.47 6.98 33.61
C TYR B 184 -17.48 5.46 33.44
N LYS B 185 -18.61 4.87 33.81
CA LYS B 185 -18.78 3.43 33.79
C LYS B 185 -19.43 2.99 32.46
N ILE B 186 -18.58 2.44 31.59
CA ILE B 186 -18.92 2.04 30.23
C ILE B 186 -18.84 0.52 30.06
N PRO B 187 -19.74 -0.08 29.26
CA PRO B 187 -19.57 -1.50 28.91
C PRO B 187 -18.20 -1.79 28.30
N PHE B 188 -17.55 -2.88 28.71
CA PHE B 188 -16.17 -3.12 28.30
C PHE B 188 -16.02 -3.22 26.79
N ALA B 189 -17.05 -3.73 26.11
CA ALA B 189 -16.98 -3.93 24.67
C ALA B 189 -16.76 -2.60 23.94
N ASP B 190 -17.21 -1.51 24.54
CA ASP B 190 -17.09 -0.18 23.96
C ASP B 190 -15.78 0.49 24.35
N ALA B 191 -14.95 -0.25 25.10
CA ALA B 191 -13.67 0.25 25.59
C ALA B 191 -12.56 -0.65 25.05
N LEU B 192 -12.86 -1.31 23.93
CA LEU B 192 -11.98 -2.31 23.33
C LEU B 192 -10.50 -1.95 23.37
N ASP B 193 -10.14 -0.78 22.85
CA ASP B 193 -8.73 -0.42 22.71
C ASP B 193 -8.05 -0.23 24.07
N LEU B 194 -8.84 0.09 25.08
CA LEU B 194 -8.29 0.29 26.43
C LEU B 194 -8.07 -1.05 27.13
N PHE B 195 -9.13 -1.81 27.34
CA PHE B 195 -9.01 -3.01 28.17
C PHE B 195 -8.19 -4.11 27.50
N ARG B 196 -7.99 -4.02 26.19
CA ARG B 196 -7.21 -5.04 25.49
C ARG B 196 -5.73 -4.80 25.71
N GLY B 197 -5.41 -3.73 26.43
CA GLY B 197 -4.04 -3.41 26.81
C GLY B 197 -3.90 -3.26 28.31
N ARG B 198 -4.95 -3.63 29.03
CA ARG B 198 -5.01 -3.48 30.48
C ARG B 198 -4.68 -2.02 30.83
N LYS B 199 -5.36 -1.10 30.17
CA LYS B 199 -5.18 0.33 30.39
C LYS B 199 -6.46 0.92 30.99
N VAL B 200 -7.29 0.05 31.52
CA VAL B 200 -8.51 0.45 32.18
C VAL B 200 -8.88 -0.65 33.13
N TYR B 201 -9.74 -0.34 34.11
CA TYR B 201 -10.18 -1.31 35.08
C TYR B 201 -11.51 -1.94 34.68
N LEU B 202 -11.69 -3.24 34.91
CA LEU B 202 -12.95 -3.90 34.60
C LEU B 202 -13.56 -4.62 35.79
N GLU B 203 -14.85 -4.37 36.02
CA GLU B 203 -15.62 -5.08 37.03
C GLU B 203 -16.98 -5.45 36.45
N ASP B 204 -17.31 -6.74 36.51
CA ASP B 204 -18.61 -7.27 36.11
C ASP B 204 -19.05 -6.77 34.73
N GLY B 205 -18.11 -6.67 33.79
CA GLY B 205 -18.42 -6.34 32.41
C GLY B 205 -18.36 -4.87 32.06
N PHE B 206 -18.10 -4.03 33.05
CA PHE B 206 -18.03 -2.58 32.83
C PHE B 206 -16.62 -2.04 33.05
N ALA B 207 -16.22 -1.14 32.15
CA ALA B 207 -14.95 -0.45 32.30
C ALA B 207 -15.18 0.77 33.18
N TYR B 208 -14.12 1.32 33.75
CA TYR B 208 -14.23 2.51 34.57
C TYR B 208 -13.23 3.49 34.03
N VAL B 209 -13.68 4.33 33.11
CA VAL B 209 -12.76 5.10 32.29
C VAL B 209 -12.71 6.55 32.76
N PRO B 210 -11.50 7.12 32.91
CA PRO B 210 -11.44 8.54 33.21
C PRO B 210 -11.98 9.39 32.07
N LEU B 211 -11.94 10.70 32.24
CA LEU B 211 -12.36 11.61 31.20
C LEU B 211 -11.19 11.77 30.26
N LYS B 212 -9.98 11.67 30.80
CA LYS B 212 -8.77 11.79 29.99
C LYS B 212 -8.71 10.67 28.94
N ASP B 213 -9.26 9.50 29.25
CA ASP B 213 -9.17 8.34 28.35
C ASP B 213 -10.42 8.16 27.51
N ILE B 214 -11.55 8.72 27.95
CA ILE B 214 -12.77 8.60 27.18
C ILE B 214 -12.68 9.45 25.92
N VAL B 215 -11.71 10.36 25.91
CA VAL B 215 -11.41 11.16 24.73
C VAL B 215 -10.92 10.24 23.64
N ALA B 216 -9.93 9.43 23.98
CA ALA B 216 -9.28 8.56 23.02
C ALA B 216 -10.24 7.53 22.41
N ILE B 217 -11.35 7.26 23.10
CA ILE B 217 -12.34 6.32 22.58
C ILE B 217 -12.97 6.86 21.30
N ILE B 218 -13.61 8.02 21.40
CA ILE B 218 -14.21 8.67 20.24
C ILE B 218 -13.12 9.12 19.26
N LEU B 219 -11.95 9.44 19.80
CA LEU B 219 -10.81 9.86 18.99
C LEU B 219 -10.36 8.76 18.03
N ASN B 220 -10.55 7.51 18.43
CA ASN B 220 -10.22 6.36 17.60
C ASN B 220 -11.37 6.00 16.67
N GLU B 221 -12.60 6.12 17.17
CA GLU B 221 -13.78 5.84 16.37
C GLU B 221 -13.84 6.83 15.20
N PHE B 222 -13.41 8.06 15.43
CA PHE B 222 -13.34 9.05 14.35
C PHE B 222 -12.29 8.61 13.34
N ARG B 223 -11.12 8.24 13.84
CA ARG B 223 -10.02 7.76 12.99
C ARG B 223 -10.51 6.63 12.11
N ALA B 224 -11.31 5.75 12.68
CA ALA B 224 -11.81 4.58 11.97
C ALA B 224 -12.79 5.02 10.88
N LYS B 225 -13.77 5.85 11.25
CA LYS B 225 -14.76 6.33 10.30
C LYS B 225 -14.08 7.14 9.20
N LEU B 226 -12.97 7.78 9.55
CA LEU B 226 -12.22 8.58 8.59
C LEU B 226 -11.39 7.74 7.63
N SER B 227 -10.66 6.77 8.17
CA SER B 227 -9.79 5.93 7.34
C SER B 227 -10.58 5.08 6.36
N LYS B 228 -11.83 4.77 6.70
CA LYS B 228 -12.69 4.02 5.79
C LYS B 228 -13.32 4.93 4.75
N ALA B 229 -13.66 6.16 5.15
CA ALA B 229 -14.24 7.11 4.21
C ALA B 229 -13.18 7.58 3.19
N LEU B 230 -11.94 7.73 3.65
CA LEU B 230 -10.85 8.12 2.75
C LEU B 230 -10.53 7.01 1.76
N ALA B 231 -10.51 5.78 2.25
CA ALA B 231 -10.22 4.61 1.43
C ALA B 231 -11.22 4.45 0.29
N LEU B 232 -12.49 4.74 0.57
CA LEU B 232 -13.53 4.61 -0.44
C LEU B 232 -13.41 5.72 -1.51
N THR B 233 -13.11 6.93 -1.08
CA THR B 233 -12.97 8.05 -2.00
C THR B 233 -11.81 7.82 -2.96
N ALA B 234 -10.81 7.11 -2.48
CA ALA B 234 -9.59 6.82 -3.25
C ALA B 234 -9.79 5.86 -4.42
N ARG B 235 -10.06 4.60 -4.09
CA ARG B 235 -10.19 3.56 -5.10
C ARG B 235 -11.45 3.63 -5.97
N SER B 236 -12.56 4.17 -5.45
CA SER B 236 -13.77 4.21 -6.25
C SER B 236 -13.71 5.29 -7.33
N LEU B 237 -13.29 6.49 -6.96
CA LEU B 237 -13.25 7.62 -7.89
C LEU B 237 -12.38 7.28 -9.10
N PRO B 238 -12.69 7.85 -10.28
CA PRO B 238 -11.86 7.51 -11.43
C PRO B 238 -10.52 8.28 -11.39
N ALA B 239 -9.76 8.06 -10.32
CA ALA B 239 -8.43 8.65 -10.16
C ALA B 239 -8.51 10.18 -10.19
N VAL B 240 -8.58 10.81 -9.02
CA VAL B 240 -8.62 12.26 -8.94
C VAL B 240 -7.21 12.85 -9.06
N GLN B 241 -6.23 11.97 -9.18
CA GLN B 241 -4.84 12.39 -9.31
C GLN B 241 -4.69 13.11 -10.64
N SER B 242 -5.52 12.70 -11.59
CA SER B 242 -5.42 13.15 -12.97
C SER B 242 -6.07 14.51 -13.23
N ASP B 243 -6.79 15.04 -12.23
CA ASP B 243 -7.44 16.33 -12.43
C ASP B 243 -6.37 17.39 -12.53
N GLU B 244 -6.38 18.13 -13.63
CA GLU B 244 -5.36 19.12 -13.91
C GLU B 244 -5.40 20.24 -12.85
N ARG B 245 -6.59 20.54 -12.34
CA ARG B 245 -6.76 21.58 -11.32
C ARG B 245 -6.10 21.24 -9.97
N LEU B 246 -5.80 19.95 -9.75
CA LEU B 246 -5.19 19.50 -8.50
C LEU B 246 -3.68 19.36 -8.58
N GLN B 247 -3.10 19.70 -9.74
CA GLN B 247 -1.66 19.58 -9.94
C GLN B 247 -0.82 20.44 -8.99
N PRO B 248 -1.26 21.67 -8.68
CA PRO B 248 -0.44 22.48 -7.77
C PRO B 248 -0.65 22.09 -6.30
N LEU B 249 -1.63 21.23 -6.04
CA LEU B 249 -1.95 20.76 -4.70
C LEU B 249 -1.26 19.43 -4.42
N LEU B 250 -1.02 18.64 -5.46
CA LEU B 250 -0.48 17.30 -5.32
C LEU B 250 1.04 17.36 -5.21
N ASN B 251 1.65 18.41 -5.76
CA ASN B 251 3.09 18.57 -5.71
C ASN B 251 3.52 19.36 -4.46
N HIS B 252 2.68 20.30 -4.03
CA HIS B 252 2.97 21.11 -2.86
C HIS B 252 2.95 20.30 -1.54
N LEU B 253 2.59 19.02 -1.62
CA LEU B 253 2.49 18.18 -0.43
C LEU B 253 3.82 18.07 0.31
N PHE C 7 12.60 49.41 -30.90
CA PHE C 7 11.21 49.14 -30.57
C PHE C 7 10.84 49.75 -29.21
N ASP C 8 9.66 50.37 -29.14
CA ASP C 8 9.19 51.04 -27.93
C ASP C 8 8.00 50.29 -27.31
N PRO C 9 8.16 49.76 -26.09
CA PRO C 9 7.08 48.99 -25.45
C PRO C 9 5.87 49.84 -25.03
N THR C 10 5.92 51.14 -25.32
CA THR C 10 4.83 52.04 -24.97
C THR C 10 3.85 52.17 -26.13
N GLU C 11 4.33 51.88 -27.34
CA GLU C 11 3.46 51.82 -28.51
C GLU C 11 2.62 50.54 -28.52
N LEU C 12 2.91 49.65 -27.59
CA LEU C 12 2.34 48.31 -27.59
C LEU C 12 0.81 48.26 -27.56
N PRO C 13 0.16 49.01 -26.65
CA PRO C 13 -1.31 48.89 -26.57
C PRO C 13 -2.02 49.38 -27.83
N GLU C 14 -1.42 50.30 -28.58
CA GLU C 14 -2.03 50.79 -29.81
C GLU C 14 -1.79 49.83 -30.97
N LEU C 15 -0.55 49.34 -31.07
CA LEU C 15 -0.18 48.42 -32.13
C LEU C 15 -0.94 47.09 -32.02
N LEU C 16 -1.15 46.65 -30.79
CA LEU C 16 -1.89 45.41 -30.54
C LEU C 16 -3.31 45.47 -31.10
N LYS C 17 -4.01 46.57 -30.84
CA LYS C 17 -5.36 46.76 -31.34
C LYS C 17 -5.46 46.53 -32.85
N LEU C 18 -4.60 47.20 -33.61
CA LEU C 18 -4.60 47.07 -35.06
C LEU C 18 -4.22 45.65 -35.50
N TYR C 19 -3.20 45.09 -34.89
CA TYR C 19 -2.71 43.76 -35.24
C TYR C 19 -3.79 42.70 -35.07
N TYR C 20 -4.45 42.70 -33.90
CA TYR C 20 -5.47 41.72 -33.60
C TYR C 20 -6.72 41.90 -34.46
N ARG C 21 -6.85 43.06 -35.10
CA ARG C 21 -8.03 43.34 -35.91
C ARG C 21 -7.81 43.09 -37.41
N ARG C 22 -6.63 43.43 -37.92
CA ARG C 22 -6.37 43.43 -39.35
C ARG C 22 -5.14 42.65 -39.80
N LEU C 23 -4.48 41.93 -38.90
CA LEU C 23 -3.22 41.24 -39.25
C LEU C 23 -3.14 39.77 -38.82
N PHE C 24 -3.56 39.48 -37.60
CA PHE C 24 -3.51 38.11 -37.08
C PHE C 24 -4.24 37.12 -38.00
N PRO C 25 -3.52 36.11 -38.52
CA PRO C 25 -4.13 35.18 -39.49
C PRO C 25 -5.09 34.17 -38.85
N TYR C 26 -6.24 34.67 -38.40
CA TYR C 26 -7.27 33.84 -37.77
C TYR C 26 -7.71 32.63 -38.62
N SER C 27 -7.74 32.81 -39.94
CA SER C 27 -8.20 31.75 -40.84
C SER C 27 -7.36 30.49 -40.73
N GLN C 28 -6.07 30.61 -40.99
CA GLN C 28 -5.15 29.48 -40.92
C GLN C 28 -5.06 28.95 -39.49
N TYR C 29 -5.19 29.86 -38.53
CA TYR C 29 -5.14 29.53 -37.12
C TYR C 29 -6.24 28.54 -36.70
N TYR C 30 -7.47 28.82 -37.09
CA TYR C 30 -8.61 27.95 -36.77
C TYR C 30 -8.52 26.66 -37.56
N ARG C 31 -8.05 26.77 -38.81
CA ARG C 31 -7.82 25.61 -39.65
C ARG C 31 -6.89 24.64 -38.93
N TRP C 32 -5.85 25.18 -38.30
CA TRP C 32 -4.89 24.37 -37.55
C TRP C 32 -5.56 23.64 -36.40
N LEU C 33 -6.03 24.40 -35.42
CA LEU C 33 -6.48 23.85 -34.14
C LEU C 33 -7.79 23.07 -34.18
N ASN C 34 -8.58 23.25 -35.23
CA ASN C 34 -9.83 22.51 -35.36
C ASN C 34 -9.57 21.19 -36.08
N TYR C 35 -8.47 21.14 -36.82
CA TYR C 35 -8.02 19.94 -37.50
C TYR C 35 -9.07 19.32 -38.42
N GLY C 36 -9.65 20.14 -39.29
CA GLY C 36 -10.60 19.66 -40.27
C GLY C 36 -11.88 19.09 -39.68
N GLY C 37 -12.26 19.54 -38.49
CA GLY C 37 -13.52 19.14 -37.90
C GLY C 37 -13.72 17.66 -37.65
N VAL C 38 -12.73 16.84 -37.99
CA VAL C 38 -12.82 15.38 -37.86
C VAL C 38 -13.36 14.94 -36.50
N ILE C 39 -12.93 15.63 -35.44
CA ILE C 39 -13.40 15.34 -34.09
C ILE C 39 -14.17 16.54 -33.56
N LYS C 40 -15.35 16.29 -33.03
CA LYS C 40 -16.25 17.34 -32.56
C LYS C 40 -15.79 17.89 -31.22
N ASN C 41 -16.02 19.19 -31.02
CA ASN C 41 -15.63 19.86 -29.77
C ASN C 41 -14.12 19.94 -29.58
N TYR C 42 -13.35 19.65 -30.62
CA TYR C 42 -11.90 19.66 -30.51
C TYR C 42 -11.38 21.07 -30.24
N PHE C 43 -11.77 22.01 -31.10
CA PHE C 43 -11.38 23.40 -30.89
C PHE C 43 -12.13 23.97 -29.70
N GLN C 44 -13.30 23.41 -29.42
CA GLN C 44 -14.16 23.94 -28.37
C GLN C 44 -13.67 23.54 -26.98
N HIS C 45 -12.80 22.53 -26.92
CA HIS C 45 -12.25 22.07 -25.65
C HIS C 45 -10.80 22.51 -25.47
N ARG C 46 -10.29 23.28 -26.42
CA ARG C 46 -8.91 23.76 -26.38
C ARG C 46 -8.72 24.85 -25.34
N GLU C 47 -7.66 24.73 -24.53
CA GLU C 47 -7.32 25.76 -23.56
C GLU C 47 -6.44 26.83 -24.18
N PHE C 48 -6.71 28.07 -23.81
CA PHE C 48 -5.85 29.20 -24.14
C PHE C 48 -5.57 29.93 -22.83
N SER C 49 -4.55 30.79 -22.81
CA SER C 49 -4.32 31.65 -21.66
C SER C 49 -3.91 33.03 -22.13
N PHE C 50 -4.37 34.06 -21.40
CA PHE C 50 -4.08 35.44 -21.76
C PHE C 50 -3.32 36.15 -20.65
N THR C 51 -2.40 37.00 -21.08
CA THR C 51 -1.62 37.85 -20.19
C THR C 51 -1.87 39.28 -20.63
N LEU C 52 -2.73 40.00 -19.91
CA LEU C 52 -3.04 41.38 -20.28
C LEU C 52 -1.96 42.35 -19.83
N LYS C 53 -2.19 43.64 -20.07
CA LYS C 53 -1.26 44.66 -19.58
C LYS C 53 -1.26 44.57 -18.06
N ASP C 54 -0.18 45.05 -17.45
CA ASP C 54 -0.02 45.03 -15.99
C ASP C 54 0.20 43.58 -15.55
N ASP C 55 0.39 42.69 -16.53
CA ASP C 55 0.72 41.28 -16.30
C ASP C 55 -0.41 40.46 -15.67
N ILE C 56 -1.65 40.84 -15.95
CA ILE C 56 -2.78 40.06 -15.47
C ILE C 56 -2.85 38.79 -16.29
N TYR C 57 -2.86 37.64 -15.60
CA TYR C 57 -2.84 36.34 -16.26
C TYR C 57 -4.08 35.54 -15.95
N ILE C 58 -4.69 35.02 -17.02
CA ILE C 58 -5.90 34.21 -16.93
C ILE C 58 -5.83 33.07 -17.92
N ARG C 59 -6.15 31.87 -17.46
CA ARG C 59 -6.16 30.68 -18.32
C ARG C 59 -7.54 30.04 -18.34
N TYR C 60 -7.62 28.83 -18.89
CA TYR C 60 -8.87 28.12 -19.08
C TYR C 60 -9.82 28.93 -19.99
N GLN C 61 -9.26 29.58 -20.99
CA GLN C 61 -10.05 30.29 -22.01
C GLN C 61 -10.40 29.32 -23.14
N SER C 62 -11.69 29.23 -23.45
CA SER C 62 -12.17 28.37 -24.53
C SER C 62 -13.11 29.15 -25.45
N PHE C 63 -13.33 28.64 -26.66
CA PHE C 63 -14.15 29.34 -27.65
C PHE C 63 -15.05 28.39 -28.44
N ASN C 64 -16.16 28.92 -28.94
CA ASN C 64 -17.16 28.13 -29.66
C ASN C 64 -16.84 27.87 -31.13
N ASN C 65 -16.27 28.87 -31.80
CA ASN C 65 -15.89 28.73 -33.20
C ASN C 65 -14.91 29.82 -33.63
N GLN C 66 -14.55 29.86 -34.91
CA GLN C 66 -13.59 30.84 -35.39
C GLN C 66 -14.02 32.28 -35.14
N SER C 67 -15.32 32.54 -35.30
CA SER C 67 -15.83 33.88 -35.05
C SER C 67 -15.67 34.24 -33.58
N ASP C 68 -16.12 33.34 -32.71
CA ASP C 68 -16.06 33.56 -31.28
C ASP C 68 -14.60 33.77 -30.84
N LEU C 69 -13.69 33.09 -31.52
CA LEU C 69 -12.26 33.20 -31.23
C LEU C 69 -11.75 34.57 -31.64
N GLU C 70 -12.07 34.97 -32.87
CA GLU C 70 -11.62 36.26 -33.37
C GLU C 70 -12.06 37.39 -32.46
N LYS C 71 -13.29 37.29 -31.97
CA LYS C 71 -13.85 38.35 -31.13
C LYS C 71 -13.17 38.48 -29.78
N GLU C 72 -13.25 37.42 -28.97
CA GLU C 72 -12.86 37.52 -27.57
C GLU C 72 -11.42 37.96 -27.31
N MET C 73 -10.48 37.55 -28.17
CA MET C 73 -9.09 37.97 -28.04
C MET C 73 -8.93 39.41 -28.48
N GLN C 74 -9.56 39.73 -29.61
CA GLN C 74 -9.56 41.07 -30.17
C GLN C 74 -10.21 42.04 -29.19
N ALA C 75 -11.20 41.57 -28.45
CA ALA C 75 -11.86 42.37 -27.42
C ALA C 75 -10.93 42.64 -26.24
N ALA C 76 -10.26 41.58 -25.77
CA ALA C 76 -9.37 41.66 -24.62
C ALA C 76 -8.01 42.28 -24.95
N ASN C 77 -7.52 42.01 -26.16
CA ASN C 77 -6.20 42.50 -26.61
C ASN C 77 -5.07 42.19 -25.64
N PRO C 78 -4.73 40.90 -25.51
CA PRO C 78 -3.73 40.35 -24.57
C PRO C 78 -2.29 40.54 -25.04
N TYR C 79 -1.34 40.57 -24.10
CA TYR C 79 0.07 40.63 -24.44
C TYR C 79 0.60 39.26 -24.84
N LYS C 80 0.09 38.19 -24.20
CA LYS C 80 0.54 36.84 -24.50
C LYS C 80 -0.64 35.90 -24.74
N ILE C 81 -0.46 35.01 -25.71
CA ILE C 81 -1.45 34.00 -26.05
C ILE C 81 -0.77 32.64 -26.06
N ASP C 82 -1.03 31.85 -25.02
CA ASP C 82 -0.46 30.53 -24.88
C ASP C 82 -1.48 29.45 -25.25
N ILE C 83 -1.03 28.42 -25.96
CA ILE C 83 -1.90 27.29 -26.32
C ILE C 83 -1.67 26.13 -25.37
N GLY C 84 -2.77 25.61 -24.83
CA GLY C 84 -2.71 24.51 -23.89
C GLY C 84 -3.17 23.18 -24.47
N ALA C 85 -3.73 22.34 -23.61
CA ALA C 85 -4.18 21.02 -24.01
C ALA C 85 -5.63 21.04 -24.46
N VAL C 86 -6.06 19.95 -25.07
CA VAL C 86 -7.47 19.72 -25.37
C VAL C 86 -8.03 18.90 -24.21
N TYR C 87 -8.96 19.48 -23.46
CA TYR C 87 -9.43 18.86 -22.22
C TYR C 87 -10.68 18.00 -22.41
N SER C 88 -11.11 17.37 -21.33
CA SER C 88 -12.27 16.49 -21.34
C SER C 88 -13.56 17.28 -21.51
N HIS C 89 -13.57 18.51 -21.03
CA HIS C 89 -14.71 19.40 -21.17
C HIS C 89 -14.22 20.74 -21.71
N ARG C 90 -15.13 21.69 -21.85
CA ARG C 90 -14.74 23.04 -22.21
C ARG C 90 -14.07 23.70 -21.01
N PRO C 91 -12.84 24.23 -21.20
CA PRO C 91 -12.14 24.93 -20.12
C PRO C 91 -12.98 26.02 -19.46
N ASN C 92 -13.79 26.73 -20.25
CA ASN C 92 -14.69 27.77 -19.73
C ASN C 92 -15.62 27.33 -18.59
N GLN C 93 -16.02 26.05 -18.60
CA GLN C 93 -16.98 25.56 -17.63
C GLN C 93 -16.33 24.61 -16.64
N HIS C 94 -15.04 24.80 -16.42
CA HIS C 94 -14.28 23.93 -15.53
C HIS C 94 -14.80 24.06 -14.10
N ASN C 95 -15.35 25.23 -13.79
CA ASN C 95 -15.91 25.47 -12.46
C ASN C 95 -17.08 24.54 -12.18
N THR C 96 -17.79 24.15 -13.23
CA THR C 96 -18.99 23.32 -13.10
C THR C 96 -18.67 21.83 -13.00
N VAL C 97 -17.44 21.44 -13.31
CA VAL C 97 -17.04 20.04 -13.34
C VAL C 97 -16.49 19.60 -11.99
N LYS C 98 -16.90 18.41 -11.53
CA LYS C 98 -16.44 17.91 -10.24
C LYS C 98 -14.96 17.55 -10.30
N LEU C 99 -14.28 17.77 -9.19
CA LEU C 99 -12.86 17.46 -9.05
C LEU C 99 -12.56 15.98 -9.30
N GLY C 100 -11.82 15.70 -10.36
CA GLY C 100 -11.42 14.34 -10.70
C GLY C 100 -11.87 13.91 -12.08
N ALA C 101 -12.74 14.71 -12.69
CA ALA C 101 -13.31 14.38 -13.98
C ALA C 101 -12.81 15.35 -15.04
N PHE C 102 -12.16 16.43 -14.59
CA PHE C 102 -11.57 17.43 -15.49
C PHE C 102 -10.10 17.12 -15.81
N GLN C 103 -9.86 16.55 -17.00
CA GLN C 103 -8.54 16.03 -17.35
C GLN C 103 -8.06 16.49 -18.73
N ALA C 104 -6.79 16.88 -18.81
CA ALA C 104 -6.14 17.17 -20.08
C ALA C 104 -5.86 15.87 -20.84
N GLN C 105 -6.39 15.79 -22.06
CA GLN C 105 -6.45 14.53 -22.80
C GLN C 105 -5.55 14.49 -24.02
N GLU C 106 -5.45 15.60 -24.74
CA GLU C 106 -4.58 15.68 -25.93
C GLU C 106 -3.90 17.03 -26.06
N LYS C 107 -2.68 17.02 -26.58
CA LYS C 107 -1.96 18.24 -26.91
C LYS C 107 -0.78 17.90 -27.80
N GLU C 108 -0.42 18.82 -28.69
CA GLU C 108 0.75 18.63 -29.55
C GLU C 108 2.01 18.41 -28.73
N LEU C 109 2.95 17.68 -29.31
CA LEU C 109 4.25 17.49 -28.70
C LEU C 109 5.11 18.71 -29.01
N VAL C 110 5.63 19.32 -27.95
CA VAL C 110 6.29 20.62 -28.05
C VAL C 110 7.70 20.60 -27.52
N PHE C 111 8.56 21.36 -28.18
CA PHE C 111 9.94 21.55 -27.77
C PHE C 111 10.22 23.04 -27.66
N ASP C 112 10.86 23.43 -26.57
CA ASP C 112 11.33 24.79 -26.40
C ASP C 112 12.85 24.74 -26.33
N ILE C 113 13.51 25.54 -27.16
CA ILE C 113 14.97 25.56 -27.17
C ILE C 113 15.45 26.99 -26.92
N ASP C 114 16.17 27.19 -25.82
CA ASP C 114 16.57 28.52 -25.38
C ASP C 114 18.07 28.76 -25.43
N MET C 115 18.48 29.87 -26.06
CA MET C 115 19.90 30.25 -26.11
C MET C 115 20.56 30.32 -24.76
N THR C 116 19.82 30.76 -23.76
CA THR C 116 20.38 30.96 -22.43
C THR C 116 20.99 29.66 -21.92
N ASP C 117 20.42 28.53 -22.34
CA ASP C 117 20.89 27.24 -21.87
C ASP C 117 22.23 26.84 -22.49
N TYR C 118 22.73 27.66 -23.41
CA TYR C 118 24.02 27.41 -24.06
C TYR C 118 25.14 28.32 -23.54
N ASP C 119 24.87 29.09 -22.49
CA ASP C 119 25.76 30.15 -22.08
C ASP C 119 27.17 29.66 -21.70
N ASP C 120 27.29 28.38 -21.40
CA ASP C 120 28.59 27.82 -21.03
C ASP C 120 29.40 27.40 -22.26
N VAL C 121 28.82 27.53 -23.45
CA VAL C 121 29.52 27.13 -24.68
C VAL C 121 29.43 28.15 -25.81
N ARG C 122 28.85 29.32 -25.56
CA ARG C 122 28.96 30.42 -26.51
C ARG C 122 29.70 31.57 -25.84
N ARG C 123 30.42 32.37 -26.64
CA ARG C 123 31.34 33.38 -26.10
C ARG C 123 30.97 34.81 -26.47
N CYS C 124 30.05 34.98 -27.41
CA CYS C 124 29.72 36.31 -27.93
C CYS C 124 28.66 37.02 -27.12
N CYS C 125 27.67 36.28 -26.64
CA CYS C 125 26.53 36.86 -25.93
C CYS C 125 26.32 36.16 -24.60
N SER C 126 25.39 36.69 -23.80
CA SER C 126 24.93 36.01 -22.59
C SER C 126 23.49 36.39 -22.27
N SER C 127 22.86 35.57 -21.44
CA SER C 127 21.47 35.76 -21.04
C SER C 127 20.55 35.79 -22.26
N ALA C 128 19.82 36.89 -22.45
CA ALA C 128 18.78 36.96 -23.48
C ALA C 128 19.30 37.57 -24.78
N ASP C 129 20.60 37.86 -24.83
CA ASP C 129 21.19 38.44 -26.03
C ASP C 129 21.45 37.38 -27.10
N ILE C 130 21.18 37.72 -28.35
CA ILE C 130 21.59 36.92 -29.50
C ILE C 130 22.23 37.74 -30.61
N CYS C 131 23.10 37.10 -31.37
CA CYS C 131 23.69 37.71 -32.56
C CYS C 131 23.75 36.66 -33.66
N PRO C 132 24.10 37.07 -34.88
CA PRO C 132 24.24 36.06 -35.92
C PRO C 132 25.37 35.07 -35.63
N LYS C 133 26.33 35.45 -34.77
CA LYS C 133 27.49 34.60 -34.52
C LYS C 133 27.14 33.36 -33.70
N CYS C 134 26.12 33.47 -32.83
CA CYS C 134 25.71 32.33 -31.98
C CYS C 134 24.43 31.66 -32.46
N TRP C 135 23.68 32.32 -33.34
CA TRP C 135 22.42 31.78 -33.85
C TRP C 135 22.61 30.44 -34.55
N THR C 136 23.80 30.17 -35.07
CA THR C 136 24.09 28.91 -35.72
C THR C 136 23.71 27.72 -34.85
N LEU C 137 23.73 27.91 -33.52
CA LEU C 137 23.30 26.87 -32.58
C LEU C 137 21.85 26.44 -32.76
N MET C 138 20.97 27.41 -32.97
CA MET C 138 19.56 27.14 -33.19
C MET C 138 19.37 26.38 -34.49
N THR C 139 20.15 26.77 -35.49
CA THR C 139 20.12 26.11 -36.78
C THR C 139 20.50 24.64 -36.60
N MET C 140 21.58 24.37 -35.89
CA MET C 140 22.02 23.01 -35.69
C MET C 140 21.00 22.26 -34.85
N ALA C 141 20.33 22.98 -33.94
CA ALA C 141 19.33 22.36 -33.07
C ALA C 141 18.14 21.91 -33.89
N ILE C 142 17.62 22.80 -34.73
CA ILE C 142 16.51 22.47 -35.60
C ILE C 142 16.87 21.30 -36.51
N ARG C 143 18.00 21.40 -37.20
CA ARG C 143 18.40 20.33 -38.10
C ARG C 143 18.55 19.00 -37.36
N ILE C 144 19.23 19.01 -36.21
CA ILE C 144 19.47 17.77 -35.46
C ILE C 144 18.17 17.14 -34.94
N ILE C 145 17.30 17.94 -34.34
CA ILE C 145 16.08 17.43 -33.73
C ILE C 145 15.01 17.12 -34.75
N ASP C 146 14.80 18.01 -35.70
CA ASP C 146 13.80 17.80 -36.72
C ASP C 146 14.11 16.53 -37.50
N ARG C 147 15.41 16.27 -37.71
CA ARG C 147 15.81 15.06 -38.40
C ARG C 147 15.39 13.83 -37.60
N ALA C 148 15.47 13.91 -36.28
CA ALA C 148 15.14 12.77 -35.44
C ALA C 148 13.62 12.57 -35.40
N LEU C 149 12.88 13.66 -35.30
CA LEU C 149 11.43 13.58 -35.25
C LEU C 149 10.92 12.99 -36.57
N LYS C 150 11.58 13.33 -37.68
CA LYS C 150 11.15 12.86 -39.00
C LYS C 150 11.61 11.43 -39.29
N GLU C 151 12.90 11.15 -39.11
CA GLU C 151 13.45 9.86 -39.52
C GLU C 151 13.29 8.79 -38.45
N ASP C 152 13.63 9.10 -37.20
CA ASP C 152 13.59 8.11 -36.11
C ASP C 152 12.18 7.84 -35.58
N PHE C 153 11.36 8.88 -35.46
CA PHE C 153 10.02 8.76 -34.87
C PHE C 153 8.91 8.76 -35.91
N GLY C 154 9.23 9.14 -37.13
CA GLY C 154 8.26 9.10 -38.21
C GLY C 154 7.18 10.14 -38.07
N PHE C 155 7.45 11.20 -37.31
CA PHE C 155 6.50 12.29 -37.22
C PHE C 155 6.56 13.05 -38.54
N LYS C 156 5.40 13.27 -39.15
CA LYS C 156 5.33 13.81 -40.50
C LYS C 156 4.95 15.29 -40.48
N HIS C 157 4.33 15.74 -39.40
CA HIS C 157 3.85 17.12 -39.33
C HIS C 157 4.50 17.92 -38.19
N ARG C 158 5.49 18.69 -38.58
CA ARG C 158 6.34 19.42 -37.64
C ARG C 158 6.38 20.89 -38.03
N LEU C 159 5.91 21.74 -37.12
CA LEU C 159 5.89 23.18 -37.34
C LEU C 159 6.91 23.83 -36.43
N TRP C 160 7.96 24.40 -37.01
CA TRP C 160 8.98 25.13 -36.26
C TRP C 160 8.68 26.62 -36.27
N VAL C 161 8.78 27.25 -35.10
CA VAL C 161 8.43 28.66 -34.93
C VAL C 161 9.50 29.41 -34.16
N TYR C 162 9.87 30.59 -34.65
CA TYR C 162 10.79 31.47 -33.93
C TYR C 162 10.06 32.04 -32.70
N SER C 163 10.72 32.00 -31.54
CA SER C 163 10.06 32.34 -30.30
C SER C 163 9.98 33.84 -30.05
N GLY C 164 10.69 34.61 -30.85
CA GLY C 164 10.63 36.07 -30.75
C GLY C 164 11.88 36.71 -30.21
N ARG C 165 12.76 35.92 -29.59
CA ARG C 165 13.95 36.48 -28.94
C ARG C 165 15.13 35.53 -28.79
N ARG C 166 14.96 34.48 -28.00
CA ARG C 166 16.07 33.66 -27.54
C ARG C 166 16.16 32.29 -28.19
N GLY C 167 15.16 31.90 -28.98
CA GLY C 167 15.15 30.57 -29.53
C GLY C 167 14.02 30.24 -30.48
N VAL C 168 13.74 28.95 -30.59
CA VAL C 168 12.69 28.43 -31.46
C VAL C 168 11.83 27.41 -30.72
N HIS C 169 10.57 27.29 -31.17
CA HIS C 169 9.65 26.27 -30.67
C HIS C 169 9.36 25.27 -31.78
N CYS C 170 8.97 24.06 -31.42
CA CYS C 170 8.47 23.09 -32.40
C CYS C 170 7.15 22.46 -31.97
N TRP C 171 6.18 22.49 -32.87
CA TRP C 171 4.87 21.86 -32.65
C TRP C 171 4.74 20.62 -33.52
N VAL C 172 4.63 19.45 -32.88
CA VAL C 172 4.42 18.20 -33.62
C VAL C 172 2.93 17.86 -33.53
N CYS C 173 2.25 17.92 -34.66
CA CYS C 173 0.80 17.93 -34.69
C CYS C 173 0.19 16.69 -35.32
N ASP C 174 0.99 15.65 -35.53
CA ASP C 174 0.45 14.38 -36.02
C ASP C 174 -0.67 13.89 -35.10
N GLU C 175 -1.70 13.29 -35.69
CA GLU C 175 -2.85 12.84 -34.91
C GLU C 175 -2.39 11.90 -33.81
N SER C 176 -1.56 10.93 -34.17
CA SER C 176 -1.06 9.96 -33.21
C SER C 176 -0.15 10.59 -32.17
N VAL C 177 0.51 11.69 -32.55
CA VAL C 177 1.44 12.37 -31.64
C VAL C 177 0.69 13.11 -30.53
N ARG C 178 -0.40 13.79 -30.88
CA ARG C 178 -1.16 14.59 -29.92
C ARG C 178 -1.76 13.72 -28.81
N LYS C 179 -1.79 12.41 -29.04
CA LYS C 179 -2.38 11.47 -28.08
C LYS C 179 -1.32 10.78 -27.25
N LEU C 180 -0.07 11.21 -27.37
CA LEU C 180 1.01 10.54 -26.65
C LEU C 180 0.92 10.79 -25.16
N SER C 181 1.11 9.73 -24.38
CA SER C 181 1.06 9.86 -22.93
C SER C 181 2.25 10.68 -22.46
N SER C 182 2.19 11.13 -21.22
CA SER C 182 3.30 11.91 -20.66
C SER C 182 4.54 11.05 -20.56
N ALA C 183 4.35 9.75 -20.40
CA ALA C 183 5.47 8.83 -20.26
C ALA C 183 6.23 8.71 -21.58
N VAL C 184 5.50 8.63 -22.69
CA VAL C 184 6.15 8.53 -23.99
C VAL C 184 6.79 9.87 -24.38
N ARG C 185 6.15 10.98 -24.02
CA ARG C 185 6.70 12.29 -24.32
C ARG C 185 8.05 12.47 -23.63
N SER C 186 8.10 12.10 -22.35
CA SER C 186 9.32 12.22 -21.58
C SER C 186 10.36 11.27 -22.17
N GLY C 187 9.88 10.18 -22.73
CA GLY C 187 10.76 9.17 -23.30
C GLY C 187 11.41 9.68 -24.57
N ILE C 188 10.68 10.49 -25.33
CA ILE C 188 11.26 11.11 -26.52
C ILE C 188 12.36 12.11 -26.18
N VAL C 189 12.17 12.86 -25.09
CA VAL C 189 13.18 13.83 -24.66
C VAL C 189 14.48 13.13 -24.24
N GLU C 190 14.37 11.99 -23.55
CA GLU C 190 15.57 11.27 -23.11
C GLU C 190 16.36 10.73 -24.29
N TYR C 191 15.66 10.33 -25.35
CA TYR C 191 16.30 9.84 -26.57
C TYR C 191 17.06 10.97 -27.26
N LEU C 192 16.47 12.16 -27.27
CA LEU C 192 17.06 13.30 -27.97
C LEU C 192 18.16 14.01 -27.17
N SER C 193 18.35 13.62 -25.91
CA SER C 193 19.23 14.37 -25.01
C SER C 193 20.62 13.74 -24.79
N LEU C 194 21.65 14.56 -25.00
CA LEU C 194 23.06 14.15 -24.82
C LEU C 194 23.81 15.02 -23.80
N VAL C 195 23.43 16.29 -23.72
CA VAL C 195 24.14 17.22 -22.85
C VAL C 195 23.59 17.16 -21.43
N LYS C 196 24.33 16.47 -20.58
CA LYS C 196 23.92 16.25 -19.19
C LYS C 196 24.83 16.99 -18.22
N GLY C 197 24.24 17.55 -17.17
CA GLY C 197 25.00 18.23 -16.13
C GLY C 197 24.58 19.68 -15.99
N GLY C 198 24.77 20.24 -14.80
CA GLY C 198 24.48 21.64 -14.54
C GLY C 198 25.73 22.48 -14.63
N GLN C 199 25.69 23.67 -14.04
CA GLN C 199 26.88 24.53 -14.01
C GLN C 199 27.98 23.88 -13.17
N ASP C 200 27.59 23.00 -12.26
CA ASP C 200 28.54 22.28 -11.43
C ASP C 200 29.39 21.28 -12.20
N VAL C 201 28.89 20.84 -13.36
CA VAL C 201 29.55 19.80 -14.15
C VAL C 201 30.26 20.39 -15.37
N LYS C 202 31.58 20.19 -15.43
CA LYS C 202 32.38 20.69 -16.54
C LYS C 202 32.23 19.83 -17.80
N LYS C 203 32.50 18.52 -17.70
CA LYS C 203 32.32 17.63 -18.84
C LYS C 203 30.90 17.09 -18.88
N LYS C 204 30.15 17.54 -19.89
CA LYS C 204 28.72 17.22 -19.97
C LYS C 204 28.37 16.11 -20.98
N VAL C 205 29.34 15.65 -21.76
CA VAL C 205 29.11 14.58 -22.74
C VAL C 205 30.14 13.47 -22.64
N HIS C 206 29.65 12.26 -22.43
CA HIS C 206 30.49 11.07 -22.40
C HIS C 206 29.93 10.07 -23.40
N LEU C 207 30.76 9.65 -24.35
CA LEU C 207 30.32 8.70 -25.37
C LEU C 207 30.89 7.32 -25.11
N SER C 208 30.07 6.30 -25.35
CA SER C 208 30.47 4.92 -25.17
C SER C 208 31.38 4.50 -26.31
N GLU C 209 31.92 3.30 -26.22
CA GLU C 209 32.78 2.76 -27.27
C GLU C 209 31.93 2.59 -28.54
N LYS C 210 30.66 2.28 -28.34
CA LYS C 210 29.71 2.08 -29.43
C LYS C 210 28.78 3.29 -29.53
N ILE C 211 28.69 3.89 -30.71
CA ILE C 211 27.92 5.13 -30.91
C ILE C 211 26.54 4.84 -31.53
N HIS C 212 25.49 5.12 -30.77
CA HIS C 212 24.12 4.96 -31.24
C HIS C 212 23.88 5.87 -32.47
N PRO C 213 23.26 5.33 -33.54
CA PRO C 213 23.03 6.08 -34.79
C PRO C 213 22.52 7.51 -34.64
N PHE C 214 21.63 7.76 -33.67
CA PHE C 214 21.11 9.10 -33.45
C PHE C 214 22.26 10.07 -33.14
N ILE C 215 23.24 9.61 -32.38
CA ILE C 215 24.39 10.45 -32.05
C ILE C 215 25.26 10.61 -33.29
N ARG C 216 25.50 9.53 -34.01
CA ARG C 216 26.28 9.57 -35.24
C ARG C 216 25.74 10.61 -36.22
N LYS C 217 24.43 10.52 -36.51
CA LYS C 217 23.82 11.44 -37.47
C LYS C 217 23.80 12.88 -36.94
N SER C 218 23.76 13.05 -35.63
CA SER C 218 23.77 14.38 -35.03
C SER C 218 25.16 14.99 -35.20
N ILE C 219 26.19 14.18 -34.97
CA ILE C 219 27.57 14.59 -35.18
C ILE C 219 27.81 15.06 -36.60
N ASN C 220 27.33 14.29 -37.57
CA ASN C 220 27.55 14.62 -38.97
C ASN C 220 26.94 15.97 -39.35
N ILE C 221 25.83 16.33 -38.72
CA ILE C 221 25.23 17.64 -38.92
C ILE C 221 26.11 18.72 -38.30
N ILE C 222 26.61 18.44 -37.10
CA ILE C 222 27.44 19.40 -36.38
C ILE C 222 28.73 19.64 -37.17
N LYS C 223 29.30 18.57 -37.74
CA LYS C 223 30.51 18.69 -38.53
C LYS C 223 30.40 19.77 -39.62
N LYS C 224 29.23 19.85 -40.25
CA LYS C 224 29.00 20.78 -41.35
C LYS C 224 29.06 22.25 -40.93
N TYR C 225 28.87 22.49 -39.63
CA TYR C 225 28.77 23.85 -39.11
C TYR C 225 29.91 24.16 -38.16
N PHE C 226 30.56 23.11 -37.66
CA PHE C 226 31.46 23.26 -36.52
C PHE C 226 32.60 24.24 -36.74
N GLU C 227 33.26 24.08 -37.89
CA GLU C 227 34.46 24.86 -38.18
C GLU C 227 34.17 26.37 -38.21
N GLU C 228 33.18 26.78 -38.98
CA GLU C 228 32.86 28.19 -39.08
C GLU C 228 32.22 28.68 -37.77
N TYR C 229 31.36 27.87 -37.16
CA TYR C 229 30.68 28.33 -35.96
C TYR C 229 31.65 28.36 -34.76
N ALA C 230 32.32 27.24 -34.51
CA ALA C 230 33.04 27.07 -33.25
C ALA C 230 34.46 27.59 -33.33
N LEU C 231 35.12 27.37 -34.47
CA LEU C 231 36.52 27.72 -34.63
C LEU C 231 36.70 29.14 -35.19
N VAL C 232 35.73 29.63 -35.95
CA VAL C 232 35.82 30.98 -36.54
C VAL C 232 34.98 32.02 -35.78
N ASN C 233 33.66 31.87 -35.76
CA ASN C 233 32.79 32.88 -35.16
C ASN C 233 32.94 32.97 -33.64
N GLN C 234 32.93 31.82 -32.98
CA GLN C 234 33.01 31.78 -31.53
C GLN C 234 34.45 31.78 -31.05
N ASP C 235 35.35 31.19 -31.85
CA ASP C 235 36.77 31.13 -31.53
C ASP C 235 37.00 30.50 -30.16
N ILE C 236 36.54 29.25 -30.03
CA ILE C 236 36.56 28.56 -28.75
C ILE C 236 38.00 28.18 -28.32
N LEU C 237 38.98 28.49 -29.16
CA LEU C 237 40.39 28.23 -28.82
C LEU C 237 41.25 29.48 -28.97
N GLU C 238 40.66 30.65 -28.71
CA GLU C 238 41.34 31.93 -28.87
C GLU C 238 42.53 32.12 -27.93
N ASN C 239 42.30 31.92 -26.64
CA ASN C 239 43.31 32.17 -25.61
C ASN C 239 43.31 31.10 -24.52
N LYS C 240 44.16 31.26 -23.50
CA LYS C 240 44.31 30.23 -22.47
C LYS C 240 43.04 30.08 -21.66
N GLU C 241 42.36 31.18 -21.41
CA GLU C 241 41.13 31.15 -20.65
C GLU C 241 40.10 30.26 -21.34
N SER C 242 40.06 30.33 -22.67
CA SER C 242 39.07 29.58 -23.43
C SER C 242 39.47 28.12 -23.69
N TRP C 243 40.70 27.86 -24.12
CA TRP C 243 41.02 26.49 -24.51
C TRP C 243 41.21 25.61 -23.27
N ASP C 244 41.36 26.22 -22.10
CA ASP C 244 41.43 25.45 -20.86
C ASP C 244 40.09 24.75 -20.61
N LYS C 245 39.00 25.40 -21.02
CA LYS C 245 37.66 24.83 -20.93
C LYS C 245 37.58 23.56 -21.77
N ILE C 246 38.22 23.59 -22.94
CA ILE C 246 38.28 22.42 -23.81
C ILE C 246 39.17 21.37 -23.19
N LEU C 247 40.26 21.82 -22.58
CA LEU C 247 41.20 20.90 -21.93
C LEU C 247 40.54 20.20 -20.74
N ALA C 248 39.51 20.84 -20.17
CA ALA C 248 38.76 20.25 -19.06
C ALA C 248 37.93 19.05 -19.51
N LEU C 249 37.72 18.94 -20.81
CA LEU C 249 36.87 17.89 -21.37
C LEU C 249 37.70 16.71 -21.85
N VAL C 250 39.03 16.82 -21.69
CA VAL C 250 39.95 15.76 -22.10
C VAL C 250 40.84 15.32 -20.92
N PRO C 251 41.41 14.10 -21.00
CA PRO C 251 42.23 13.54 -19.92
C PRO C 251 43.41 14.42 -19.53
N GLU C 252 43.75 14.39 -18.24
CA GLU C 252 44.81 15.25 -17.70
C GLU C 252 46.14 14.92 -18.37
N THR C 253 46.30 13.67 -18.79
CA THR C 253 47.58 13.19 -19.32
C THR C 253 48.00 13.85 -20.64
N ILE C 254 47.11 14.60 -21.26
CA ILE C 254 47.42 15.30 -22.51
C ILE C 254 47.34 16.81 -22.37
N HIS C 255 47.07 17.30 -21.16
CA HIS C 255 46.93 18.74 -20.92
C HIS C 255 48.22 19.46 -21.25
N ASP C 256 49.32 18.93 -20.73
CA ASP C 256 50.62 19.56 -20.91
C ASP C 256 50.99 19.61 -22.39
N GLU C 257 50.84 18.48 -23.08
CA GLU C 257 51.18 18.42 -24.51
C GLU C 257 50.41 19.44 -25.35
N LEU C 258 49.10 19.50 -25.14
CA LEU C 258 48.22 20.38 -25.89
C LEU C 258 48.43 21.86 -25.59
N GLN C 259 48.66 22.17 -24.32
CA GLN C 259 48.82 23.56 -23.89
C GLN C 259 49.93 24.29 -24.63
N GLN C 260 51.08 23.63 -24.78
CA GLN C 260 52.19 24.21 -25.52
C GLN C 260 51.85 24.31 -26.99
N SER C 261 51.32 23.22 -27.54
CA SER C 261 50.94 23.18 -28.95
C SER C 261 49.93 24.26 -29.30
N PHE C 262 49.09 24.64 -28.34
CA PHE C 262 48.11 25.70 -28.59
C PHE C 262 48.83 27.04 -28.63
N GLN C 263 49.83 27.18 -27.76
CA GLN C 263 50.62 28.41 -27.66
C GLN C 263 51.48 28.65 -28.90
N LYS C 264 52.05 27.56 -29.42
CA LYS C 264 52.88 27.63 -30.62
C LYS C 264 52.03 27.82 -31.88
N SER C 265 50.74 27.53 -31.79
CA SER C 265 49.84 27.70 -32.93
C SER C 265 49.28 29.12 -32.97
N HIS C 266 48.64 29.46 -34.08
CA HIS C 266 48.24 30.85 -34.35
C HIS C 266 46.75 31.17 -34.21
N ASN C 267 45.89 30.26 -34.69
CA ASN C 267 44.43 30.46 -34.63
C ASN C 267 43.71 29.21 -34.11
N SER C 268 42.38 29.27 -34.01
CA SER C 268 41.63 28.14 -33.46
C SER C 268 41.59 26.94 -34.42
N LEU C 269 41.61 27.21 -35.72
CA LEU C 269 41.60 26.15 -36.71
C LEU C 269 42.84 25.25 -36.59
N GLN C 270 44.00 25.87 -36.36
CA GLN C 270 45.24 25.13 -36.22
C GLN C 270 45.18 24.25 -34.98
N ARG C 271 44.70 24.84 -33.89
CA ARG C 271 44.73 24.17 -32.59
C ARG C 271 43.75 23.00 -32.57
N TRP C 272 42.61 23.18 -33.23
CA TRP C 272 41.61 22.11 -33.31
C TRP C 272 42.22 20.95 -34.07
N GLU C 273 43.04 21.27 -35.07
CA GLU C 273 43.68 20.25 -35.88
C GLU C 273 44.69 19.46 -35.06
N HIS C 274 45.33 20.14 -34.12
CA HIS C 274 46.26 19.48 -33.24
C HIS C 274 45.53 18.54 -32.29
N LEU C 275 44.41 19.01 -31.75
CA LEU C 275 43.59 18.21 -30.85
C LEU C 275 43.17 16.89 -31.49
N LYS C 276 42.72 16.95 -32.75
CA LYS C 276 42.29 15.74 -33.45
C LYS C 276 43.41 14.73 -33.57
N LYS C 277 44.59 15.22 -33.96
CA LYS C 277 45.76 14.38 -34.14
C LYS C 277 46.19 13.79 -32.79
N VAL C 278 46.27 14.63 -31.77
CA VAL C 278 46.72 14.19 -30.45
C VAL C 278 45.73 13.19 -29.86
N ALA C 279 44.44 13.46 -30.02
CA ALA C 279 43.38 12.59 -29.53
C ALA C 279 43.36 11.20 -30.19
N SER C 280 43.60 11.15 -31.50
CA SER C 280 43.60 9.88 -32.22
C SER C 280 44.63 8.89 -31.70
N ARG C 281 45.85 9.36 -31.39
CA ARG C 281 46.89 8.50 -30.85
C ARG C 281 46.45 7.92 -29.51
N TYR C 282 45.74 8.73 -28.74
CA TYR C 282 45.31 8.36 -27.39
C TYR C 282 44.34 7.17 -27.42
N PRO C 293 37.56 8.25 -25.23
CA PRO C 293 37.45 7.36 -26.39
C PRO C 293 37.25 8.14 -27.69
N TRP C 294 36.20 8.96 -27.73
CA TRP C 294 35.85 9.77 -28.89
C TRP C 294 35.96 11.25 -28.54
N LEU C 295 37.13 11.68 -28.06
CA LEU C 295 37.28 13.02 -27.50
C LEU C 295 36.84 14.12 -28.45
N GLU C 296 37.15 13.99 -29.73
CA GLU C 296 36.82 15.03 -30.69
C GLU C 296 35.32 15.26 -30.71
N TRP C 297 34.57 14.16 -30.72
CA TRP C 297 33.11 14.21 -30.82
C TRP C 297 32.43 14.66 -29.53
N GLU C 298 32.98 14.27 -28.38
CA GLU C 298 32.39 14.67 -27.11
C GLU C 298 32.46 16.20 -26.98
N ILE C 299 33.53 16.78 -27.52
CA ILE C 299 33.71 18.22 -27.48
C ILE C 299 32.75 18.94 -28.41
N MET C 300 32.60 18.43 -29.63
CA MET C 300 31.71 19.03 -30.63
C MET C 300 30.27 19.00 -30.18
N LEU C 301 29.85 17.85 -29.63
CA LEU C 301 28.50 17.69 -29.08
C LEU C 301 28.24 18.64 -27.94
N GLN C 302 29.19 18.73 -27.03
CA GLN C 302 29.04 19.59 -25.87
C GLN C 302 28.86 21.06 -26.25
N TYR C 303 29.42 21.45 -27.38
CA TYR C 303 29.40 22.86 -27.79
C TYR C 303 28.26 23.17 -28.77
N CYS C 304 27.70 22.14 -29.39
CA CYS C 304 26.75 22.34 -30.49
C CYS C 304 25.46 21.54 -30.41
N PHE C 305 25.45 20.48 -29.61
CA PHE C 305 24.25 19.64 -29.54
C PHE C 305 23.16 20.33 -28.72
N PRO C 306 21.89 20.17 -29.13
CA PRO C 306 20.80 20.90 -28.47
C PRO C 306 20.57 20.59 -26.99
N ARG C 307 20.20 21.61 -26.22
CA ARG C 307 19.77 21.46 -24.84
C ARG C 307 18.26 21.61 -24.73
N LEU C 308 17.61 20.64 -24.10
CA LEU C 308 16.15 20.57 -24.06
C LEU C 308 15.59 20.62 -22.64
N ASP C 309 14.63 21.51 -22.43
CA ASP C 309 13.95 21.58 -21.14
C ASP C 309 12.94 20.45 -21.05
N ILE C 310 13.26 19.41 -20.27
CA ILE C 310 12.38 18.24 -20.17
C ILE C 310 10.98 18.62 -19.67
N ASN C 311 10.91 19.67 -18.88
CA ASN C 311 9.65 20.09 -18.26
C ASN C 311 8.61 20.59 -19.27
N VAL C 312 9.07 21.26 -20.31
CA VAL C 312 8.17 21.80 -21.33
C VAL C 312 7.45 20.69 -22.10
N SER C 313 8.14 19.59 -22.36
CA SER C 313 7.60 18.54 -23.23
C SER C 313 6.94 17.41 -22.47
N LYS C 314 7.17 17.36 -21.16
CA LYS C 314 6.65 16.29 -20.32
C LYS C 314 5.15 16.42 -20.07
N GLY C 315 4.71 17.59 -19.62
CA GLY C 315 3.33 17.75 -19.21
C GLY C 315 2.41 17.93 -20.39
N ILE C 316 1.33 17.15 -20.40
CA ILE C 316 0.34 17.20 -21.46
C ILE C 316 -0.44 18.51 -21.34
N ASN C 317 -0.49 19.03 -20.12
CA ASN C 317 -1.24 20.23 -19.83
C ASN C 317 -0.38 21.48 -19.93
N HIS C 318 0.72 21.41 -20.68
CA HIS C 318 1.65 22.53 -20.74
C HIS C 318 1.24 23.60 -21.74
N LEU C 319 1.29 24.85 -21.28
CA LEU C 319 0.92 26.00 -22.09
C LEU C 319 2.16 26.60 -22.73
N LEU C 320 2.21 26.58 -24.06
CA LEU C 320 3.35 27.14 -24.78
C LEU C 320 2.94 28.34 -25.62
N LYS C 321 3.81 29.33 -25.70
CA LYS C 321 3.57 30.54 -26.50
C LYS C 321 3.06 30.20 -27.90
N SER C 322 1.93 30.79 -28.27
CA SER C 322 1.29 30.48 -29.55
C SER C 322 2.06 31.05 -30.74
N PRO C 323 2.06 30.34 -31.88
CA PRO C 323 2.58 30.97 -33.10
C PRO C 323 1.84 32.26 -33.42
N PHE C 324 2.53 33.18 -34.08
CA PHE C 324 1.97 34.48 -34.45
C PHE C 324 1.55 35.29 -33.24
N SER C 325 2.12 34.95 -32.08
CA SER C 325 1.96 35.78 -30.89
C SER C 325 2.93 36.95 -31.02
N VAL C 326 2.79 37.95 -30.15
CA VAL C 326 3.69 39.10 -30.15
C VAL C 326 4.52 39.10 -28.87
N HIS C 327 5.84 39.17 -29.03
CA HIS C 327 6.75 39.21 -27.88
C HIS C 327 6.66 40.59 -27.22
N PRO C 328 6.22 40.65 -25.94
CA PRO C 328 6.02 41.92 -25.25
C PRO C 328 7.22 42.88 -25.21
N LYS C 329 8.43 42.36 -25.47
CA LYS C 329 9.65 43.16 -25.32
C LYS C 329 10.36 43.43 -26.63
N THR C 330 10.55 42.39 -27.44
CA THR C 330 11.24 42.53 -28.72
C THR C 330 10.30 43.03 -29.80
N GLY C 331 9.00 42.77 -29.63
CA GLY C 331 8.00 43.16 -30.60
C GLY C 331 7.95 42.24 -31.79
N ARG C 332 8.84 41.25 -31.82
CA ARG C 332 8.89 40.32 -32.94
C ARG C 332 7.66 39.41 -32.98
N ILE C 333 7.33 38.94 -34.17
CA ILE C 333 6.22 38.01 -34.35
C ILE C 333 6.79 36.61 -34.26
N SER C 334 6.13 35.75 -33.51
CA SER C 334 6.49 34.34 -33.49
C SER C 334 6.17 33.72 -34.85
N VAL C 335 7.15 33.77 -35.77
CA VAL C 335 6.89 33.43 -37.17
C VAL C 335 7.36 32.01 -37.49
N PRO C 336 6.61 31.31 -38.36
CA PRO C 336 7.07 29.98 -38.77
C PRO C 336 8.38 30.02 -39.54
N ILE C 337 9.17 28.96 -39.39
CA ILE C 337 10.49 28.85 -40.01
C ILE C 337 10.43 27.80 -41.12
N ASP C 338 10.83 28.17 -42.32
CA ASP C 338 10.82 27.24 -43.45
C ASP C 338 11.97 26.24 -43.34
N LEU C 339 11.63 24.97 -43.15
CA LEU C 339 12.63 23.92 -42.98
C LEU C 339 13.53 23.78 -44.20
N GLN C 340 13.01 24.11 -45.38
CA GLN C 340 13.79 24.00 -46.60
C GLN C 340 14.80 25.14 -46.65
N LYS C 341 14.45 26.25 -45.99
CA LYS C 341 15.29 27.44 -45.92
C LYS C 341 15.77 27.70 -44.49
N VAL C 342 16.07 26.64 -43.74
CA VAL C 342 16.39 26.81 -42.32
C VAL C 342 17.72 27.54 -42.10
N ASP C 343 18.70 27.28 -42.95
CA ASP C 343 20.01 27.93 -42.81
C ASP C 343 19.95 29.40 -43.16
N GLN C 344 18.89 29.79 -43.86
CA GLN C 344 18.76 31.15 -44.36
C GLN C 344 17.88 32.01 -43.45
N PHE C 345 17.22 31.37 -42.49
CA PHE C 345 16.34 32.09 -41.59
C PHE C 345 17.16 33.09 -40.79
N ASP C 346 16.62 34.30 -40.61
CA ASP C 346 17.34 35.38 -39.95
C ASP C 346 16.42 36.03 -38.92
N PRO C 347 16.73 35.86 -37.61
CA PRO C 347 15.86 36.40 -36.56
C PRO C 347 15.91 37.92 -36.42
N PHE C 348 16.81 38.56 -37.14
CA PHE C 348 16.99 40.00 -37.03
C PHE C 348 16.25 40.74 -38.14
N THR C 349 15.73 39.99 -39.10
CA THR C 349 14.88 40.54 -40.15
C THR C 349 13.44 40.08 -40.00
N VAL C 350 13.13 39.43 -38.89
CA VAL C 350 11.75 39.02 -38.60
C VAL C 350 10.88 40.25 -38.32
N PRO C 351 9.74 40.38 -39.03
CA PRO C 351 8.89 41.58 -38.86
C PRO C 351 8.46 41.83 -37.42
N THR C 352 8.56 43.08 -36.98
CA THR C 352 8.01 43.49 -35.69
C THR C 352 6.58 43.99 -35.93
N ILE C 353 5.78 44.09 -34.86
CA ILE C 353 4.40 44.54 -35.00
C ILE C 353 4.32 46.00 -35.46
N SER C 354 5.28 46.81 -35.06
CA SER C 354 5.31 48.22 -35.44
C SER C 354 5.61 48.39 -36.93
N PHE C 355 6.33 47.43 -37.48
CA PHE C 355 6.74 47.50 -38.88
C PHE C 355 5.62 47.10 -39.83
N ILE C 356 4.86 46.09 -39.44
CA ILE C 356 3.79 45.56 -40.29
C ILE C 356 2.48 46.36 -40.16
N CYS C 357 2.35 47.12 -39.08
CA CYS C 357 1.24 48.05 -38.93
C CYS C 357 1.53 49.34 -39.69
N ARG C 358 2.80 49.74 -39.68
CA ARG C 358 3.27 50.87 -40.46
C ARG C 358 2.95 50.66 -41.94
N GLU C 359 3.21 49.44 -42.42
CA GLU C 359 2.96 49.09 -43.82
C GLU C 359 1.46 49.05 -44.15
N LEU C 360 0.67 48.62 -43.18
CA LEU C 360 -0.79 48.53 -43.36
C LEU C 360 -1.41 49.93 -43.36
N THR C 389 1.19 42.71 -46.47
CA THR C 389 2.16 43.14 -45.48
C THR C 389 3.40 42.26 -45.51
N SER C 390 4.41 42.61 -44.73
CA SER C 390 5.65 41.84 -44.68
C SER C 390 5.49 40.54 -43.87
N LEU C 391 4.33 40.38 -43.25
CA LEU C 391 4.03 39.16 -42.50
C LEU C 391 3.69 38.00 -43.43
N ALA C 392 3.43 38.33 -44.70
CA ALA C 392 2.87 37.37 -45.66
C ALA C 392 3.72 36.12 -45.91
N PRO C 393 5.01 36.29 -46.27
CA PRO C 393 5.79 35.10 -46.67
C PRO C 393 5.88 34.04 -45.57
N TYR C 394 5.72 34.44 -44.32
CA TYR C 394 5.78 33.51 -43.19
C TYR C 394 4.45 32.77 -43.02
N VAL C 395 3.35 33.45 -43.33
CA VAL C 395 2.04 32.80 -43.29
C VAL C 395 1.97 31.76 -44.40
N LYS C 396 2.70 32.01 -45.49
CA LYS C 396 2.76 31.07 -46.60
C LYS C 396 3.37 29.77 -46.09
N VAL C 397 4.42 29.90 -45.28
CA VAL C 397 5.08 28.75 -44.68
C VAL C 397 4.10 28.01 -43.79
N PHE C 398 3.29 28.78 -43.06
CA PHE C 398 2.28 28.20 -42.19
C PHE C 398 1.21 27.46 -43.01
N GLU C 399 0.88 28.01 -44.16
CA GLU C 399 -0.13 27.43 -45.03
C GLU C 399 0.32 26.08 -45.61
N HIS C 400 1.61 26.02 -46.02
CA HIS C 400 2.19 24.80 -46.55
C HIS C 400 2.21 23.71 -45.50
N PHE C 401 2.34 24.10 -44.24
CA PHE C 401 2.25 23.18 -43.12
C PHE C 401 0.84 22.62 -42.98
N LEU C 402 -0.17 23.49 -43.12
CA LEU C 402 -1.55 23.09 -42.98
C LEU C 402 -2.04 22.19 -44.12
N GLU C 403 -1.60 22.49 -45.33
CA GLU C 403 -2.01 21.71 -46.50
C GLU C 403 -1.59 20.25 -46.34
N ASN C 404 -0.33 20.03 -45.96
CA ASN C 404 0.21 18.69 -45.79
C ASN C 404 -0.51 17.91 -44.70
N LEU C 405 -1.07 18.62 -43.73
CA LEU C 405 -1.87 17.96 -42.68
C LEU C 405 -3.13 17.38 -43.28
N ASP C 406 -3.79 18.15 -44.14
CA ASP C 406 -5.01 17.72 -44.78
C ASP C 406 -4.79 16.44 -45.60
N LYS C 407 -3.76 16.45 -46.44
CA LYS C 407 -3.48 15.29 -47.30
C LYS C 407 -3.28 13.99 -46.52
N SER C 408 -2.54 14.06 -45.41
CA SER C 408 -2.29 12.86 -44.62
C SER C 408 -3.56 12.33 -43.98
N ARG C 409 -4.38 13.24 -43.46
CA ARG C 409 -5.64 12.88 -42.81
C ARG C 409 -6.61 12.25 -43.80
N LYS C 410 -6.61 12.76 -45.03
CA LYS C 410 -7.49 12.24 -46.08
C LYS C 410 -7.02 10.89 -46.59
N GLY C 411 -5.77 10.83 -47.04
CA GLY C 411 -5.19 9.60 -47.56
C GLY C 411 -4.84 8.63 -46.46
N TYR D 29 -3.37 -15.08 -18.35
CA TYR D 29 -4.02 -14.51 -17.17
C TYR D 29 -4.65 -13.16 -17.47
N LEU D 30 -5.55 -13.10 -18.46
CA LEU D 30 -6.20 -11.84 -18.83
C LEU D 30 -7.69 -11.91 -18.51
N GLN D 31 -8.38 -12.90 -19.06
CA GLN D 31 -9.83 -13.00 -18.88
C GLN D 31 -10.17 -14.07 -17.83
N PRO D 32 -11.16 -13.79 -16.96
CA PRO D 32 -11.62 -14.77 -15.96
C PRO D 32 -12.03 -16.13 -16.52
N PRO D 33 -11.55 -17.24 -15.90
CA PRO D 33 -11.89 -18.58 -16.38
C PRO D 33 -13.35 -18.92 -16.08
N SER D 34 -14.12 -19.26 -17.11
CA SER D 34 -15.50 -19.64 -16.91
C SER D 34 -15.62 -21.15 -16.76
N GLU D 35 -15.37 -21.63 -15.54
CA GLU D 35 -15.42 -23.06 -15.26
C GLU D 35 -15.80 -23.29 -13.81
N ASN D 36 -16.51 -24.39 -13.57
CA ASN D 36 -16.96 -24.77 -12.24
C ASN D 36 -15.91 -25.52 -11.41
N ILE D 37 -15.74 -25.09 -10.15
CA ILE D 37 -14.83 -25.73 -9.22
C ILE D 37 -15.47 -25.92 -7.84
N SER D 38 -15.07 -26.99 -7.15
CA SER D 38 -15.61 -27.30 -5.83
C SER D 38 -14.84 -26.55 -4.74
N LEU D 39 -15.47 -26.35 -3.59
CA LEU D 39 -14.85 -25.64 -2.48
C LEU D 39 -13.61 -26.34 -1.93
N ILE D 40 -13.55 -27.67 -2.07
CA ILE D 40 -12.37 -28.43 -1.64
C ILE D 40 -11.21 -28.23 -2.60
N GLU D 41 -11.52 -28.27 -3.90
CA GLU D 41 -10.51 -28.03 -4.91
C GLU D 41 -10.04 -26.59 -4.79
N PHE D 42 -11.00 -25.70 -4.54
CA PHE D 42 -10.71 -24.29 -4.37
C PHE D 42 -9.60 -24.02 -3.36
N GLU D 43 -9.78 -24.46 -2.12
CA GLU D 43 -8.78 -24.23 -1.08
C GLU D 43 -7.49 -25.01 -1.31
N ASN D 44 -7.60 -26.22 -1.84
CA ASN D 44 -6.42 -27.01 -2.17
C ASN D 44 -5.59 -26.31 -3.25
N LEU D 45 -6.25 -25.89 -4.31
CA LEU D 45 -5.61 -25.19 -5.41
C LEU D 45 -4.96 -23.89 -4.95
N ALA D 46 -5.63 -23.17 -4.06
CA ALA D 46 -5.09 -21.92 -3.53
C ALA D 46 -3.83 -22.22 -2.74
N ILE D 47 -3.96 -23.14 -1.79
CA ILE D 47 -2.84 -23.54 -0.94
C ILE D 47 -1.66 -24.01 -1.79
N ASP D 48 -1.94 -24.79 -2.84
CA ASP D 48 -0.87 -25.28 -3.72
C ASP D 48 -0.04 -24.14 -4.31
N ARG D 49 -0.71 -23.17 -4.92
CA ARG D 49 -0.01 -22.09 -5.59
C ARG D 49 0.79 -21.22 -4.61
N VAL D 50 0.25 -21.01 -3.41
CA VAL D 50 0.96 -20.24 -2.39
C VAL D 50 2.31 -20.87 -2.08
N LYS D 51 2.35 -22.20 -2.01
CA LYS D 51 3.61 -22.89 -1.87
C LYS D 51 4.51 -22.58 -3.05
N LEU D 52 3.98 -22.73 -4.26
CA LEU D 52 4.74 -22.47 -5.48
C LEU D 52 5.33 -21.06 -5.50
N LEU D 53 4.52 -20.05 -5.20
CA LEU D 53 5.01 -18.67 -5.22
C LEU D 53 6.06 -18.43 -4.16
N LYS D 54 5.86 -19.01 -2.98
CA LYS D 54 6.85 -18.89 -1.90
C LYS D 54 8.11 -19.66 -2.27
N SER D 55 7.98 -20.66 -3.15
CA SER D 55 9.15 -21.37 -3.66
C SER D 55 9.94 -20.44 -4.58
N VAL D 56 9.25 -19.71 -5.45
CA VAL D 56 9.90 -18.78 -6.35
C VAL D 56 10.64 -17.72 -5.55
N GLU D 57 10.07 -17.33 -4.42
CA GLU D 57 10.71 -16.34 -3.55
C GLU D 57 11.93 -16.92 -2.84
N ASN D 58 11.90 -18.22 -2.55
CA ASN D 58 13.05 -18.87 -1.91
C ASN D 58 14.20 -19.05 -2.88
N LEU D 59 13.88 -19.50 -4.09
CA LEU D 59 14.91 -19.72 -5.12
C LEU D 59 15.41 -18.38 -5.66
N GLY D 60 14.64 -17.33 -5.44
CA GLY D 60 14.99 -15.99 -5.89
C GLY D 60 16.03 -15.35 -4.98
N VAL D 61 15.95 -15.66 -3.69
CA VAL D 61 16.87 -15.11 -2.70
C VAL D 61 18.15 -15.94 -2.66
N SER D 62 18.02 -17.26 -2.75
CA SER D 62 19.18 -18.15 -2.79
C SER D 62 20.01 -17.93 -4.05
N TYR D 63 19.47 -18.36 -5.18
CA TYR D 63 20.17 -18.29 -6.46
C TYR D 63 19.86 -16.99 -7.19
N VAL D 64 20.31 -16.92 -8.44
CA VAL D 64 19.99 -15.81 -9.32
C VAL D 64 19.31 -16.38 -10.56
N LYS D 65 18.31 -15.65 -11.05
CA LYS D 65 17.53 -16.07 -12.21
C LYS D 65 18.43 -16.34 -13.41
N GLY D 66 18.12 -17.41 -14.14
CA GLY D 66 18.86 -17.75 -15.34
C GLY D 66 19.72 -19.00 -15.19
N THR D 67 20.42 -19.10 -14.06
CA THR D 67 21.30 -20.23 -13.81
C THR D 67 20.52 -21.55 -13.86
N GLU D 68 21.18 -22.61 -14.33
CA GLU D 68 20.53 -23.91 -14.49
C GLU D 68 19.95 -24.45 -13.18
N GLN D 69 20.50 -24.02 -12.06
CA GLN D 69 19.98 -24.39 -10.75
C GLN D 69 18.55 -23.89 -10.60
N TYR D 70 18.37 -22.58 -10.72
CA TYR D 70 17.05 -21.95 -10.74
C TYR D 70 16.10 -22.63 -11.73
N GLN D 71 16.56 -22.78 -12.97
CA GLN D 71 15.74 -23.38 -14.03
C GLN D 71 15.41 -24.87 -13.80
N SER D 72 16.12 -25.51 -12.89
CA SER D 72 15.88 -26.91 -12.56
C SER D 72 15.08 -27.04 -11.27
N LYS D 73 15.54 -26.34 -10.23
CA LYS D 73 14.90 -26.40 -8.92
C LYS D 73 13.45 -25.94 -8.96
N LEU D 74 13.19 -24.85 -9.68
CA LEU D 74 11.83 -24.36 -9.86
C LEU D 74 11.02 -25.34 -10.71
N GLU D 75 11.66 -25.91 -11.74
CA GLU D 75 11.02 -26.93 -12.57
C GLU D 75 10.66 -28.14 -11.73
N SER D 76 11.48 -28.43 -10.72
CA SER D 76 11.20 -29.54 -9.82
C SER D 76 9.97 -29.22 -8.97
N GLU D 77 9.99 -28.06 -8.33
CA GLU D 77 8.89 -27.65 -7.46
C GLU D 77 7.57 -27.49 -8.22
N LEU D 78 7.66 -27.04 -9.47
CA LEU D 78 6.50 -26.93 -10.35
C LEU D 78 5.97 -28.28 -10.76
N ARG D 79 6.88 -29.21 -11.00
CA ARG D 79 6.52 -30.58 -11.35
C ARG D 79 5.81 -31.23 -10.16
N LYS D 80 6.30 -30.94 -8.96
CA LYS D 80 5.80 -31.53 -7.73
C LYS D 80 4.38 -31.05 -7.39
N LEU D 81 4.06 -29.81 -7.76
CA LEU D 81 2.77 -29.21 -7.43
C LEU D 81 1.85 -29.26 -8.65
N LYS D 82 2.14 -30.21 -9.55
CA LYS D 82 1.33 -30.48 -10.72
C LYS D 82 1.01 -29.23 -11.56
N PHE D 83 1.99 -28.33 -11.65
CA PHE D 83 1.92 -27.16 -12.50
C PHE D 83 2.99 -27.23 -13.57
N SER D 84 2.64 -27.73 -14.75
CA SER D 84 3.63 -27.92 -15.81
C SER D 84 2.98 -28.33 -17.12
N GLU D 94 -4.95 -30.24 -18.58
CA GLU D 94 -5.49 -30.26 -17.22
C GLU D 94 -4.51 -29.63 -16.23
N PRO D 95 -3.19 -29.80 -16.44
CA PRO D 95 -2.24 -29.02 -15.65
C PRO D 95 -2.28 -27.53 -16.01
N ARG D 96 -2.79 -27.23 -17.19
CA ARG D 96 -2.99 -25.85 -17.63
C ARG D 96 -4.21 -25.28 -16.92
N ARG D 97 -5.19 -26.15 -16.71
CA ARG D 97 -6.42 -25.77 -16.01
C ARG D 97 -6.14 -25.43 -14.56
N ARG D 98 -5.30 -26.24 -13.91
CA ARG D 98 -4.96 -26.00 -12.52
C ARG D 98 -4.24 -24.66 -12.36
N ASP D 99 -3.27 -24.40 -13.24
CA ASP D 99 -2.51 -23.17 -13.17
C ASP D 99 -3.41 -21.96 -13.42
N HIS D 100 -4.36 -22.12 -14.32
CA HIS D 100 -5.25 -21.03 -14.69
C HIS D 100 -6.17 -20.66 -13.53
N ILE D 101 -6.90 -21.64 -13.01
CA ILE D 101 -7.84 -21.40 -11.93
C ILE D 101 -7.10 -20.90 -10.69
N SER D 102 -5.98 -21.55 -10.38
CA SER D 102 -5.22 -21.23 -9.17
C SER D 102 -4.80 -19.78 -9.12
N HIS D 103 -4.43 -19.23 -10.27
CA HIS D 103 -3.97 -17.84 -10.31
C HIS D 103 -5.08 -16.88 -9.97
N PHE D 104 -6.30 -17.19 -10.41
CA PHE D 104 -7.42 -16.27 -10.24
C PHE D 104 -8.00 -16.37 -8.84
N ILE D 105 -7.68 -17.44 -8.13
CA ILE D 105 -8.12 -17.60 -6.75
C ILE D 105 -7.27 -16.69 -5.85
N LEU D 106 -5.95 -16.73 -6.06
CA LEU D 106 -5.01 -15.98 -5.24
C LEU D 106 -5.14 -14.47 -5.40
N ARG D 107 -5.75 -14.03 -6.50
CA ARG D 107 -5.95 -12.61 -6.74
C ARG D 107 -6.78 -12.02 -5.60
N LEU D 108 -7.79 -12.74 -5.15
CA LEU D 108 -8.61 -12.30 -4.03
C LEU D 108 -7.76 -12.11 -2.79
N ALA D 109 -6.79 -12.99 -2.59
CA ALA D 109 -5.97 -12.95 -1.39
C ALA D 109 -5.01 -11.76 -1.42
N TYR D 110 -4.24 -11.67 -2.49
CA TYR D 110 -3.11 -10.74 -2.54
C TYR D 110 -3.42 -9.37 -3.16
N CYS D 111 -4.69 -8.98 -3.20
CA CYS D 111 -5.05 -7.68 -3.74
C CYS D 111 -5.31 -6.70 -2.60
N GLN D 112 -5.35 -7.24 -1.38
CA GLN D 112 -5.79 -6.48 -0.22
C GLN D 112 -4.86 -5.32 0.16
N SER D 113 -3.56 -5.56 0.11
CA SER D 113 -2.57 -4.57 0.55
C SER D 113 -1.53 -4.27 -0.54
N GLU D 114 -0.99 -3.05 -0.51
CA GLU D 114 0.05 -2.66 -1.47
C GLU D 114 1.25 -3.60 -1.36
N GLU D 115 1.60 -3.95 -0.14
CA GLU D 115 2.70 -4.89 0.10
C GLU D 115 2.36 -6.25 -0.51
N LEU D 116 1.10 -6.64 -0.36
CA LEU D 116 0.64 -7.93 -0.84
C LEU D 116 0.62 -8.00 -2.37
N ARG D 117 0.20 -6.91 -3.01
CA ARG D 117 0.14 -6.87 -4.47
C ARG D 117 1.54 -6.99 -5.06
N ARG D 118 2.46 -6.20 -4.51
CA ARG D 118 3.85 -6.19 -4.99
C ARG D 118 4.46 -7.58 -4.89
N TRP D 119 4.20 -8.26 -3.78
CA TRP D 119 4.73 -9.60 -3.56
C TRP D 119 4.15 -10.57 -4.59
N PHE D 120 2.83 -10.58 -4.71
CA PHE D 120 2.16 -11.48 -5.63
C PHE D 120 2.61 -11.24 -7.08
N ILE D 121 2.80 -9.97 -7.43
CA ILE D 121 3.20 -9.60 -8.79
C ILE D 121 4.60 -10.14 -9.08
N GLN D 122 5.54 -9.83 -8.20
CA GLN D 122 6.94 -10.20 -8.40
C GLN D 122 7.11 -11.71 -8.54
N GLN D 123 6.49 -12.47 -7.65
CA GLN D 123 6.61 -13.92 -7.69
C GLN D 123 5.97 -14.49 -8.95
N GLU D 124 4.85 -13.89 -9.36
CA GLU D 124 4.18 -14.34 -10.57
C GLU D 124 4.95 -13.89 -11.81
N MET D 125 5.66 -12.78 -11.69
CA MET D 125 6.50 -12.30 -12.78
C MET D 125 7.65 -13.28 -12.99
N ASP D 126 8.41 -13.50 -11.92
CA ASP D 126 9.51 -14.45 -11.95
C ASP D 126 9.04 -15.80 -12.46
N LEU D 127 7.81 -16.15 -12.11
CA LEU D 127 7.22 -17.40 -12.58
C LEU D 127 6.99 -17.38 -14.09
N LEU D 128 6.42 -16.30 -14.60
CA LEU D 128 6.17 -16.18 -16.03
C LEU D 128 7.50 -16.12 -16.77
N ARG D 129 8.46 -15.45 -16.16
CA ARG D 129 9.80 -15.34 -16.69
C ARG D 129 10.40 -16.73 -16.92
N PHE D 130 10.22 -17.60 -15.94
CA PHE D 130 10.67 -18.99 -16.05
C PHE D 130 9.95 -19.75 -17.15
N ARG D 131 8.63 -19.74 -17.10
CA ARG D 131 7.81 -20.50 -18.02
C ARG D 131 8.10 -20.17 -19.48
N PHE D 132 8.51 -18.93 -19.73
CA PHE D 132 8.87 -18.51 -21.07
C PHE D 132 10.33 -18.82 -21.38
N SER D 133 11.16 -18.89 -20.33
CA SER D 133 12.58 -19.19 -20.50
C SER D 133 12.81 -20.60 -21.02
N ILE D 134 11.93 -21.51 -20.63
CA ILE D 134 12.02 -22.90 -21.06
C ILE D 134 11.12 -23.18 -22.27
N LEU D 135 10.56 -22.11 -22.84
CA LEU D 135 9.65 -22.25 -23.99
C LEU D 135 10.42 -22.24 -25.31
N PRO D 136 10.02 -23.11 -26.25
CA PRO D 136 10.71 -23.18 -27.55
C PRO D 136 10.46 -21.93 -28.41
N LYS D 137 11.38 -21.65 -29.33
CA LYS D 137 11.31 -20.45 -30.16
C LYS D 137 10.11 -20.47 -31.13
N ASP D 138 9.74 -21.66 -31.58
CA ASP D 138 8.60 -21.83 -32.48
C ASP D 138 7.30 -21.33 -31.86
N LYS D 139 7.12 -21.64 -30.58
CA LYS D 139 5.94 -21.25 -29.82
C LYS D 139 5.94 -19.75 -29.48
N ILE D 140 7.13 -19.17 -29.36
CA ILE D 140 7.27 -17.75 -29.05
C ILE D 140 6.46 -16.89 -30.02
N GLN D 141 6.54 -17.17 -31.31
CA GLN D 141 5.75 -16.40 -32.28
C GLN D 141 4.26 -16.49 -31.98
N ASP D 142 3.79 -17.67 -31.58
CA ASP D 142 2.39 -17.86 -31.23
C ASP D 142 2.07 -17.20 -29.88
N PHE D 143 3.05 -17.21 -28.97
CA PHE D 143 2.91 -16.62 -27.65
C PHE D 143 2.86 -15.09 -27.71
N LEU D 144 3.50 -14.53 -28.72
CA LEU D 144 3.54 -13.08 -28.90
C LEU D 144 2.20 -12.54 -29.38
N LYS D 145 1.54 -13.30 -30.27
CA LYS D 145 0.26 -12.88 -30.81
C LYS D 145 -0.83 -12.90 -29.75
N ASP D 146 -0.65 -13.73 -28.72
CA ASP D 146 -1.63 -13.82 -27.65
C ASP D 146 -1.56 -12.67 -26.65
N SER D 147 -0.46 -11.93 -26.65
CA SER D 147 -0.31 -10.80 -25.74
C SER D 147 -1.07 -9.58 -26.26
N GLN D 148 -1.61 -9.71 -27.47
CA GLN D 148 -2.41 -8.68 -28.13
C GLN D 148 -1.61 -7.41 -28.46
N LEU D 149 -0.30 -7.44 -28.23
CA LEU D 149 0.55 -6.29 -28.56
C LEU D 149 0.89 -6.36 -30.05
N GLN D 150 1.73 -5.45 -30.51
CA GLN D 150 2.13 -5.43 -31.91
C GLN D 150 3.53 -6.01 -32.08
N PHE D 151 3.64 -7.03 -32.93
CA PHE D 151 4.91 -7.71 -33.18
C PHE D 151 5.01 -8.15 -34.64
N GLU D 152 6.20 -8.04 -35.21
CA GLU D 152 6.41 -8.43 -36.61
C GLU D 152 7.86 -8.81 -36.90
N ALA D 153 8.09 -10.09 -37.18
CA ALA D 153 9.42 -10.60 -37.46
C ALA D 153 9.96 -10.10 -38.81
N ILE D 154 11.15 -9.50 -38.77
CA ILE D 154 11.80 -8.96 -39.96
C ILE D 154 12.30 -10.04 -40.93
N SER D 155 12.49 -9.65 -42.20
CA SER D 155 13.03 -10.55 -43.22
C SER D 155 14.54 -10.74 -43.06
N ASP D 156 15.13 -11.65 -43.83
CA ASP D 156 16.57 -11.89 -43.78
C ASP D 156 17.35 -10.87 -44.60
N GLU D 157 16.71 -10.33 -45.64
CA GLU D 157 17.37 -9.31 -46.45
C GLU D 157 17.55 -8.05 -45.62
N GLU D 158 16.49 -7.67 -44.92
CA GLU D 158 16.53 -6.49 -44.07
C GLU D 158 17.31 -6.73 -42.78
N LYS D 159 17.37 -7.97 -42.31
CA LYS D 159 18.14 -8.26 -41.09
C LYS D 159 19.62 -7.96 -41.33
N THR D 160 20.13 -8.39 -42.49
CA THR D 160 21.54 -8.22 -42.80
C THR D 160 21.85 -6.82 -43.32
N LEU D 161 20.81 -6.05 -43.64
CA LEU D 161 20.99 -4.68 -44.12
C LEU D 161 21.13 -3.67 -42.99
N ARG D 162 20.37 -3.87 -41.92
CA ARG D 162 20.40 -2.97 -40.77
C ARG D 162 21.24 -3.57 -39.66
N GLU D 163 22.10 -4.52 -40.02
CA GLU D 163 22.92 -5.19 -39.03
C GLU D 163 23.82 -4.19 -38.33
N GLN D 164 24.40 -3.29 -39.11
CA GLN D 164 25.31 -2.27 -38.58
C GLN D 164 24.58 -1.32 -37.63
N GLU D 165 23.34 -0.98 -37.97
CA GLU D 165 22.56 -0.06 -37.15
C GLU D 165 22.26 -0.66 -35.78
N ILE D 166 21.70 -1.87 -35.78
CA ILE D 166 21.23 -2.51 -34.55
C ILE D 166 22.38 -2.93 -33.64
N VAL D 167 23.52 -3.28 -34.21
CA VAL D 167 24.66 -3.68 -33.38
C VAL D 167 25.21 -2.45 -32.67
N ALA D 168 24.98 -1.28 -33.27
CA ALA D 168 25.48 -0.03 -32.71
C ALA D 168 24.45 0.58 -31.78
N SER D 169 23.19 0.22 -31.99
CA SER D 169 22.08 0.77 -31.20
C SER D 169 21.88 -0.02 -29.92
N SER D 170 22.19 -1.31 -29.98
CA SER D 170 21.99 -2.24 -28.86
C SER D 170 23.29 -2.62 -28.16
N PRO D 171 23.48 -2.14 -26.91
CA PRO D 171 24.65 -2.44 -26.06
C PRO D 171 24.65 -3.88 -25.52
N SER D 172 23.71 -4.69 -25.98
CA SER D 172 23.59 -6.08 -25.54
C SER D 172 24.45 -7.06 -26.36
N LEU D 173 25.27 -6.53 -27.26
CA LEU D 173 26.21 -7.35 -28.02
C LEU D 173 27.64 -6.99 -27.64
N GLU D 181 19.62 -14.47 -34.23
CA GLU D 181 18.46 -13.94 -33.52
C GLU D 181 17.48 -13.29 -34.48
N SER D 182 16.25 -13.12 -34.04
CA SER D 182 15.20 -12.54 -34.86
C SER D 182 14.88 -11.13 -34.37
N ILE D 183 14.81 -10.18 -35.30
CA ILE D 183 14.48 -8.80 -34.95
C ILE D 183 13.03 -8.48 -35.26
N TYR D 184 12.29 -8.04 -34.23
CA TYR D 184 10.88 -7.72 -34.40
C TYR D 184 10.69 -6.21 -34.57
N LYS D 185 9.82 -5.83 -35.50
CA LYS D 185 9.57 -4.42 -35.81
C LYS D 185 8.36 -3.92 -35.02
N ILE D 186 8.62 -3.17 -33.95
CA ILE D 186 7.58 -2.70 -33.04
C ILE D 186 7.40 -1.19 -33.10
N PRO D 187 6.15 -0.71 -32.98
CA PRO D 187 6.00 0.74 -32.81
C PRO D 187 6.80 1.21 -31.59
N PHE D 188 7.50 2.34 -31.71
CA PHE D 188 8.43 2.78 -30.67
C PHE D 188 7.74 2.99 -29.33
N ALA D 189 6.47 3.41 -29.39
CA ALA D 189 5.70 3.72 -28.19
C ALA D 189 5.60 2.52 -27.26
N ASP D 190 5.68 1.32 -27.83
CA ASP D 190 5.57 0.09 -27.06
C ASP D 190 6.94 -0.35 -26.55
N ALA D 191 7.95 0.45 -26.84
CA ALA D 191 9.33 0.16 -26.44
C ALA D 191 9.90 1.26 -25.55
N LEU D 192 9.01 1.96 -24.85
CA LEU D 192 9.37 3.11 -24.02
C LEU D 192 10.67 2.97 -23.23
N ASP D 193 10.79 1.90 -22.45
CA ASP D 193 11.95 1.74 -21.57
C ASP D 193 13.24 1.54 -22.35
N LEU D 194 13.12 1.03 -23.58
CA LEU D 194 14.29 0.80 -24.42
C LEU D 194 14.78 2.08 -25.10
N PHE D 195 13.94 2.67 -25.94
CA PHE D 195 14.39 3.80 -26.75
C PHE D 195 14.66 5.04 -25.93
N ARG D 196 14.13 5.09 -24.71
CA ARG D 196 14.34 6.28 -23.88
C ARG D 196 15.73 6.26 -23.27
N GLY D 197 16.48 5.20 -23.56
CA GLY D 197 17.86 5.10 -23.12
C GLY D 197 18.79 4.85 -24.31
N ARG D 198 18.24 4.97 -25.52
CA ARG D 198 19.00 4.68 -26.73
C ARG D 198 19.66 3.31 -26.64
N LYS D 199 18.85 2.31 -26.29
CA LYS D 199 19.32 0.92 -26.19
C LYS D 199 18.64 0.05 -27.24
N VAL D 200 18.08 0.71 -28.26
CA VAL D 200 17.46 0.02 -29.38
C VAL D 200 17.44 0.99 -30.57
N TYR D 201 17.27 0.47 -31.77
CA TYR D 201 17.25 1.30 -32.97
C TYR D 201 15.81 1.68 -33.36
N LEU D 202 15.61 2.91 -33.82
CA LEU D 202 14.29 3.39 -34.26
C LEU D 202 14.30 3.93 -35.68
N GLU D 203 13.34 3.50 -36.48
CA GLU D 203 13.13 4.03 -37.84
C GLU D 203 11.66 4.27 -38.16
N ASP D 204 11.35 5.49 -38.58
CA ASP D 204 10.01 5.88 -39.02
C ASP D 204 8.93 5.46 -38.02
N GLY D 205 9.26 5.59 -36.74
CA GLY D 205 8.30 5.37 -35.67
C GLY D 205 8.27 3.96 -35.16
N PHE D 206 9.05 3.07 -35.77
CA PHE D 206 9.08 1.68 -35.33
C PHE D 206 10.46 1.34 -34.78
N ALA D 207 10.47 0.63 -33.66
CA ALA D 207 11.71 0.13 -33.07
C ALA D 207 12.09 -1.21 -33.71
N TYR D 208 13.35 -1.59 -33.54
CA TYR D 208 13.87 -2.85 -34.06
C TYR D 208 14.56 -3.62 -32.94
N VAL D 209 13.77 -4.48 -32.29
CA VAL D 209 14.12 -5.09 -31.01
C VAL D 209 14.56 -6.56 -31.12
N PRO D 210 15.66 -6.94 -30.45
CA PRO D 210 16.07 -8.35 -30.38
C PRO D 210 15.09 -9.23 -29.61
N LEU D 211 15.42 -10.51 -29.47
CA LEU D 211 14.58 -11.43 -28.70
C LEU D 211 14.93 -11.34 -27.21
N LYS D 212 16.19 -11.04 -26.91
CA LYS D 212 16.65 -10.91 -25.52
C LYS D 212 15.95 -9.76 -24.79
N ASP D 213 15.58 -8.73 -25.54
CA ASP D 213 15.00 -7.52 -24.95
C ASP D 213 13.47 -7.47 -25.04
N ILE D 214 12.91 -8.26 -25.96
CA ILE D 214 11.46 -8.34 -26.13
C ILE D 214 10.79 -9.08 -24.97
N VAL D 215 11.58 -9.80 -24.17
CA VAL D 215 11.06 -10.46 -22.98
C VAL D 215 10.56 -9.45 -21.97
N ALA D 216 11.40 -8.49 -21.62
CA ALA D 216 11.06 -7.51 -20.60
C ALA D 216 9.83 -6.69 -21.03
N ILE D 217 9.57 -6.65 -22.33
CA ILE D 217 8.43 -5.92 -22.85
C ILE D 217 7.15 -6.57 -22.35
N ILE D 218 6.95 -7.83 -22.70
CA ILE D 218 5.78 -8.57 -22.24
C ILE D 218 5.82 -8.78 -20.72
N LEU D 219 7.02 -8.88 -20.17
CA LEU D 219 7.17 -9.04 -18.72
C LEU D 219 6.64 -7.81 -18.00
N ASN D 220 6.74 -6.66 -18.66
CA ASN D 220 6.22 -5.42 -18.11
C ASN D 220 4.74 -5.24 -18.48
N GLU D 221 4.38 -5.65 -19.69
CA GLU D 221 2.99 -5.55 -20.13
C GLU D 221 2.10 -6.45 -19.27
N PHE D 222 2.65 -7.60 -18.89
CA PHE D 222 1.95 -8.51 -17.99
C PHE D 222 1.80 -7.90 -16.60
N ARG D 223 2.91 -7.39 -16.07
CA ARG D 223 2.93 -6.77 -14.76
C ARG D 223 1.88 -5.66 -14.68
N ALA D 224 1.77 -4.88 -15.76
CA ALA D 224 0.84 -3.77 -15.77
C ALA D 224 -0.60 -4.28 -15.77
N LYS D 225 -0.91 -5.20 -16.67
CA LYS D 225 -2.26 -5.75 -16.77
C LYS D 225 -2.65 -6.49 -15.50
N LEU D 226 -1.65 -7.03 -14.81
CA LEU D 226 -1.89 -7.76 -13.57
C LEU D 226 -2.19 -6.78 -12.45
N SER D 227 -1.36 -5.74 -12.37
CA SER D 227 -1.48 -4.73 -11.32
C SER D 227 -2.80 -3.96 -11.45
N LYS D 228 -3.35 -3.91 -12.67
CA LYS D 228 -4.65 -3.27 -12.90
C LYS D 228 -5.79 -4.21 -12.55
N ALA D 229 -5.60 -5.50 -12.78
CA ALA D 229 -6.62 -6.49 -12.46
C ALA D 229 -6.75 -6.64 -10.95
N LEU D 230 -5.63 -6.51 -10.25
CA LEU D 230 -5.64 -6.57 -8.80
C LEU D 230 -6.37 -5.36 -8.23
N ALA D 231 -6.10 -4.19 -8.81
CA ALA D 231 -6.74 -2.96 -8.36
C ALA D 231 -8.25 -3.08 -8.49
N LEU D 232 -8.70 -3.71 -9.57
CA LEU D 232 -10.12 -3.90 -9.82
C LEU D 232 -10.67 -4.93 -8.83
N THR D 233 -9.89 -5.98 -8.58
CA THR D 233 -10.29 -7.03 -7.66
C THR D 233 -10.46 -6.45 -6.26
N ALA D 234 -9.71 -5.39 -5.98
CA ALA D 234 -9.76 -4.76 -4.66
C ALA D 234 -11.11 -4.06 -4.46
N ARG D 235 -11.63 -3.44 -5.51
CA ARG D 235 -12.89 -2.71 -5.43
C ARG D 235 -14.05 -3.71 -5.29
N SER D 236 -13.83 -4.88 -5.88
CA SER D 236 -14.79 -5.99 -5.93
C SER D 236 -14.91 -6.74 -4.61
N LEU D 237 -13.75 -7.02 -4.01
CA LEU D 237 -13.65 -7.83 -2.80
C LEU D 237 -14.46 -7.43 -1.55
N PRO D 238 -14.70 -6.13 -1.31
CA PRO D 238 -15.47 -5.85 -0.10
C PRO D 238 -16.98 -6.13 -0.25
N ALA D 239 -17.27 -7.39 -0.56
CA ALA D 239 -18.63 -7.90 -0.68
C ALA D 239 -18.58 -9.35 -0.24
N VAL D 240 -17.68 -10.07 -0.90
CA VAL D 240 -17.41 -11.47 -0.62
C VAL D 240 -16.46 -11.64 0.57
N GLN D 241 -16.03 -10.55 1.17
CA GLN D 241 -15.09 -10.65 2.30
C GLN D 241 -15.69 -11.31 3.52
N SER D 242 -16.99 -11.15 3.70
CA SER D 242 -17.61 -11.62 4.93
C SER D 242 -17.91 -13.12 4.85
N ASP D 243 -17.75 -13.69 3.65
CA ASP D 243 -18.05 -15.10 3.46
C ASP D 243 -17.04 -15.97 4.20
N GLU D 244 -17.55 -16.82 5.07
CA GLU D 244 -16.73 -17.67 5.93
C GLU D 244 -15.89 -18.64 5.12
N ARG D 245 -16.41 -19.07 3.97
CA ARG D 245 -15.66 -20.01 3.15
C ARG D 245 -14.40 -19.34 2.61
N LEU D 246 -14.39 -18.01 2.59
CA LEU D 246 -13.23 -17.26 2.10
C LEU D 246 -12.36 -16.79 3.26
N GLN D 247 -12.75 -17.15 4.47
CA GLN D 247 -12.00 -16.75 5.66
C GLN D 247 -10.57 -17.30 5.69
N PRO D 248 -10.36 -18.56 5.26
CA PRO D 248 -8.98 -19.03 5.31
C PRO D 248 -8.09 -18.59 4.16
N LEU D 249 -8.66 -18.00 3.11
CA LEU D 249 -7.84 -17.55 1.98
C LEU D 249 -7.49 -16.08 2.10
N LEU D 250 -8.38 -15.30 2.71
CA LEU D 250 -8.21 -13.86 2.79
C LEU D 250 -7.34 -13.44 3.97
N ASN D 251 -7.34 -14.26 5.02
CA ASN D 251 -6.55 -13.98 6.21
C ASN D 251 -5.16 -14.60 6.12
N HIS D 252 -5.08 -15.76 5.49
CA HIS D 252 -3.80 -16.45 5.34
C HIS D 252 -2.87 -15.66 4.41
ZN ZN E . 4.34 -33.71 34.25
MG MG F . -4.34 -24.82 20.40
MG MG G . -5.92 -28.97 23.83
PA UTP H . -5.81 -28.80 20.20
O1A UTP H . -5.47 -28.98 18.75
O2A UTP H . -4.65 -28.19 20.94
O3A UTP H . -6.17 -30.22 20.85
O5' UTP H . -7.06 -27.86 20.37
PB UTP H . -7.36 -30.42 21.91
O1B UTP H . -8.69 -30.61 21.17
O2B UTP H . -7.43 -29.20 22.80
O3B UTP H . -7.09 -31.71 22.80
PG UTP H . -5.68 -32.10 23.41
O1G UTP H . -5.79 -32.38 24.89
O2G UTP H . -4.72 -30.95 23.19
O3G UTP H . -5.21 -33.35 22.71
C5' UTP H . -7.35 -26.88 19.40
C4' UTP H . -8.71 -27.13 18.82
O4' UTP H . -8.73 -26.67 17.51
C1' UTP H . -9.67 -27.30 16.74
C2' UTP H . -9.94 -28.60 17.44
O2' UTP H . -11.29 -28.67 17.85
C3' UTP H . -9.05 -28.57 18.67
O3' UTP H . -9.72 -29.05 19.78
N1 UTP H . -9.25 -27.37 15.36
C6 UTP H . -9.88 -26.56 14.48
C2 UTP H . -8.23 -28.19 14.92
O2 UTP H . -7.64 -28.93 15.70
N3 UTP H . -7.88 -28.20 13.62
C4 UTP H . -8.51 -27.40 12.74
O4 UTP H . -8.19 -27.41 11.58
C5 UTP H . -9.53 -26.57 13.17
H5'1 UTP H . -6.66 -26.91 18.69
H5'2 UTP H . -7.32 -26.00 19.82
H4' UTP H . -9.40 -26.67 19.34
H1' UTP H . -10.50 -26.76 16.77
H2' UTP H . -9.71 -29.37 16.86
HA UTP H . -11.70 -29.33 17.41
H3' UTP H . -8.24 -29.10 18.52
HB UTP H . -10.49 -28.60 19.87
H6 UTP H . -10.59 -25.99 14.77
H3 UTP H . -7.20 -28.75 13.34
H5 UTP H . -10.00 -25.99 12.53
ZN ZN I . 25.95 35.82 -29.86
MG MG J . 13.23 26.00 -21.70
MG MG K . 12.83 30.38 -26.00
PA UTP L . 10.75 30.48 -22.22
O1A UTP L . 10.40 31.01 -20.86
O2A UTP L . 12.11 29.83 -22.17
O3A UTP L . 10.76 31.72 -23.24
O5' UTP L . 9.68 29.42 -22.65
PB UTP L . 9.97 31.84 -24.64
O1B UTP L . 8.46 31.80 -24.36
O2B UTP L . 10.35 30.69 -25.57
O3B UTP L . 10.35 33.23 -25.30
PG UTP L . 11.84 33.75 -25.44
O1G UTP L . 12.19 33.91 -26.90
O2G UTP L . 12.80 32.75 -24.81
O3G UTP L . 11.97 35.07 -24.74
C5' UTP L . 9.28 28.43 -21.73
C4' UTP L . 7.80 28.17 -21.88
O4' UTP L . 7.22 27.68 -20.71
C1' UTP L . 5.87 27.89 -20.71
C2' UTP L . 5.72 29.21 -21.41
O2' UTP L . 4.64 29.17 -22.33
C3' UTP L . 7.04 29.42 -22.13
O3' UTP L . 6.81 29.59 -23.50
N1 UTP L . 5.28 27.92 -19.39
C6 UTP L . 4.13 27.23 -19.21
C2 UTP L . 5.82 28.62 -18.34
O2 UTP L . 6.85 29.25 -18.50
N3 UTP L . 5.22 28.61 -17.14
C4 UTP L . 4.08 27.92 -16.95
O4 UTP L . 3.54 27.91 -15.89
C5 UTP L . 3.52 27.21 -18.00
H5'1 UTP L . 9.47 28.76 -20.81
H5'2 UTP L . 9.80 27.61 -21.89
H4' UTP L . 7.65 27.53 -22.61
H1' UTP L . 5.43 27.19 -21.25
H2' UTP L . 5.58 29.92 -20.75
HA UTP L . 4.08 29.84 -22.15
H3' UTP L . 7.51 30.19 -21.77
HB UTP L . 6.37 30.35 -23.64
H6 UTP L . 3.74 26.73 -19.94
H3 UTP L . 5.59 29.08 -16.44
H5 UTP L . 2.68 26.70 -17.87
#